data_4MI6
#
_entry.id   4MI6
#
_cell.length_a   128.900
_cell.length_b   128.900
_cell.length_c   116.540
_cell.angle_alpha   90.00
_cell.angle_beta   90.00
_cell.angle_gamma   90.00
#
_symmetry.space_group_name_H-M   'P 43 21 2'
#
loop_
_entity.id
_entity.type
_entity.pdbx_description
1 polymer 'Glycogen phosphorylase, muscle form'
2 non-polymer N-[4-(5,6,7,8-tetrahydronaphthalen-2-yl)butanoyl]-beta-D-glucopyranosylamine
3 water water
#
_entity_poly.entity_id   1
_entity_poly.type   'polypeptide(L)'
_entity_poly.pdbx_seq_one_letter_code
;QISVRGLAGVENVTELKKNFNRHLHFTLVKDRNVATPRDYYFALAHTVRDHLVGRWIRTQQHYYEKDPKRIYYLSLEFYM
GRTLQNTMVNLALENACDEATYQLGLDMEELEEIEEDAGLGNGGLGRLAACFLDSMATLGLAAYGYGIRYEFGIFNQKIC
GGWQMEEADDWLRYGNPWEKARPEFTLPVHFYGRVEHTSQGAKWVDTQVVLAMPYDTPVPGYRNNVVNTMRLWSAKAPND
FNLKDFNVGGYIQAVLDRNLAENISRVLYPNDNFFEGKELRLKQEYFVVAATLQDIIRRFKSSKFGCRDPVRTNFDAFPD
KVAIQLNDTHPSLAIPELMRVLVDLERLDWDKAWEVTVKTCAYTNHTVLPEALERWPVHLLETLLPRHLQIIYEINQRFL
NRVAAAFPGDVDRLRRMSLVEEGAVKRINMAHLCIAGSHAVNGVARIHSEILKKTIFKDFYELEPHKFQNKTNGITPRRW
LVLCNPGLAEIIAERIGEEYISDLDQLRKLLSYVDDEAFIRDVAKVKQENKLKFAAYLEREYKVHINPNSLFDVQVKRIH
EYKRQLLNCLHVITLYNRIKKEPNKFVVPRTVMIGGKAAPGYHMAKMIIKLITAIGDVVNHDPVVGDRLRVIFLENYRVS
LAEKVIPAADLSEQISTAGTEASGTGNM(LLP)FMLNGALTIGTMDGANVEMAEEAGEENFFIFGMRVEDVDRLDQRGYN
AQEYYDRIPELRQIIEQLSSGFFSPKQPDLFKDIVNMLMHHDRFKVFADYEEYVKCQERVSALYKNPREWTRMVIRNIAT
SGKFSSDRTIAQYAREIWGVEPSRQRLPA
;
_entity_poly.pdbx_strand_id   A
#
loop_
_chem_comp.id
_chem_comp.type
_chem_comp.name
_chem_comp.formula
26V saccharide N-[4-(5,6,7,8-tetrahydronaphthalen-2-yl)butanoyl]-beta-D-glucopyranosylamine 'C20 H29 N O6'
#
# COMPACT_ATOMS: atom_id res chain seq x y z
N GLN A 1 -6.04 -31.25 -3.10
CA GLN A 1 -7.46 -31.17 -2.65
C GLN A 1 -8.35 -30.38 -3.63
N ILE A 2 -8.06 -29.08 -3.82
CA ILE A 2 -8.81 -28.22 -4.77
C ILE A 2 -8.01 -27.97 -6.06
N SER A 3 -8.70 -27.88 -7.18
CA SER A 3 -8.06 -27.87 -8.51
C SER A 3 -7.17 -26.64 -8.81
N VAL A 4 -7.58 -25.45 -8.37
CA VAL A 4 -6.78 -24.23 -8.62
C VAL A 4 -5.41 -24.26 -7.95
N ARG A 5 -5.23 -25.15 -6.98
CA ARG A 5 -3.93 -25.33 -6.30
C ARG A 5 -2.92 -26.22 -7.06
N GLY A 6 -3.31 -26.72 -8.23
CA GLY A 6 -2.38 -27.42 -9.13
C GLY A 6 -2.26 -28.92 -8.91
N LEU A 7 -1.36 -29.55 -9.66
CA LEU A 7 -1.17 -31.02 -9.62
C LEU A 7 -0.18 -31.49 -8.55
N ALA A 8 -0.49 -32.63 -7.94
CA ALA A 8 0.41 -33.31 -7.03
C ALA A 8 0.88 -34.62 -7.67
N GLY A 9 1.76 -34.50 -8.66
CA GLY A 9 2.35 -35.66 -9.33
C GLY A 9 3.27 -36.48 -8.43
N VAL A 10 3.32 -37.77 -8.67
CA VAL A 10 4.14 -38.70 -7.87
C VAL A 10 5.61 -38.28 -7.90
N GLU A 11 6.10 -37.99 -9.10
CA GLU A 11 7.49 -37.58 -9.32
C GLU A 11 7.81 -36.27 -8.58
N ASN A 12 6.92 -35.29 -8.72
CA ASN A 12 7.09 -34.00 -8.04
C ASN A 12 7.09 -34.12 -6.54
N VAL A 13 6.12 -34.84 -5.98
CA VAL A 13 6.02 -34.99 -4.53
C VAL A 13 7.27 -35.69 -3.98
N THR A 14 7.75 -36.69 -4.71
CA THR A 14 8.95 -37.43 -4.30
C THR A 14 10.19 -36.53 -4.29
N GLU A 15 10.35 -35.72 -5.33
CA GLU A 15 11.48 -34.79 -5.43
C GLU A 15 11.45 -33.69 -4.34
N LEU A 16 10.27 -33.13 -4.09
CA LEU A 16 10.10 -32.14 -3.01
C LEU A 16 10.47 -32.72 -1.64
N LYS A 17 10.02 -33.94 -1.36
CA LYS A 17 10.32 -34.58 -0.09
C LYS A 17 11.83 -34.74 0.13
N LYS A 18 12.54 -35.16 -0.92
CA LYS A 18 13.96 -35.40 -0.75
C LYS A 18 14.75 -34.10 -0.67
N ASN A 19 14.33 -33.07 -1.39
CA ASN A 19 14.98 -31.75 -1.30
C ASN A 19 14.73 -31.06 0.04
N PHE A 20 13.56 -31.32 0.62
CA PHE A 20 13.21 -30.83 1.95
C PHE A 20 14.17 -31.45 2.99
N ASN A 21 14.37 -32.76 2.89
CA ASN A 21 15.28 -33.44 3.81
C ASN A 21 16.72 -33.02 3.61
N ARG A 22 17.12 -32.77 2.36
CA ARG A 22 18.45 -32.25 2.06
C ARG A 22 18.68 -30.91 2.77
N HIS A 23 17.73 -29.97 2.62
CA HIS A 23 17.90 -28.66 3.24
C HIS A 23 17.90 -28.73 4.76
N LEU A 24 17.05 -29.57 5.34
CA LEU A 24 17.00 -29.68 6.77
C LEU A 24 18.37 -30.11 7.34
N HIS A 25 19.03 -31.04 6.63
CA HIS A 25 20.32 -31.60 7.01
C HIS A 25 21.46 -30.63 6.73
N PHE A 26 21.65 -30.30 5.45
CA PHE A 26 22.82 -29.54 5.00
C PHE A 26 22.70 -28.03 5.19
N THR A 27 21.50 -27.49 5.03
CA THR A 27 21.33 -26.03 5.07
C THR A 27 21.10 -25.57 6.49
N LEU A 28 20.18 -26.25 7.18
CA LEU A 28 19.84 -25.88 8.54
C LEU A 28 20.70 -26.57 9.58
N VAL A 29 21.36 -27.66 9.21
CA VAL A 29 22.21 -28.45 10.14
C VAL A 29 21.39 -28.91 11.34
N LYS A 30 20.31 -29.62 11.05
CA LYS A 30 19.44 -30.19 12.07
C LYS A 30 19.10 -31.64 11.67
N ASP A 31 18.56 -32.41 12.59
CA ASP A 31 17.85 -33.65 12.21
C ASP A 31 16.45 -33.62 12.79
N ARG A 32 15.61 -34.57 12.38
CA ARG A 32 14.20 -34.60 12.80
C ARG A 32 14.02 -34.64 14.32
N ASN A 33 15.04 -35.09 15.06
CA ASN A 33 14.91 -35.21 16.52
C ASN A 33 14.90 -33.87 17.25
N VAL A 34 15.62 -32.88 16.75
CA VAL A 34 15.71 -31.59 17.43
C VAL A 34 15.06 -30.43 16.64
N ALA A 35 14.55 -30.71 15.45
CA ALA A 35 13.98 -29.68 14.60
C ALA A 35 12.70 -29.09 15.19
N THR A 36 12.58 -27.76 15.12
CA THR A 36 11.36 -27.04 15.53
C THR A 36 10.50 -26.73 14.31
N PRO A 37 9.24 -26.33 14.54
CA PRO A 37 8.43 -25.93 13.38
C PRO A 37 9.08 -24.84 12.54
N ARG A 38 9.84 -23.94 13.17
CA ARG A 38 10.56 -22.89 12.42
C ARG A 38 11.61 -23.49 11.50
N ASP A 39 12.30 -24.52 11.96
CA ASP A 39 13.25 -25.24 11.11
C ASP A 39 12.53 -25.82 9.90
N TYR A 40 11.36 -26.39 10.13
CA TYR A 40 10.58 -26.98 9.05
C TYR A 40 10.11 -25.94 8.05
N TYR A 41 9.64 -24.80 8.54
CA TYR A 41 9.33 -23.69 7.65
C TYR A 41 10.53 -23.34 6.75
N PHE A 42 11.71 -23.16 7.35
CA PHE A 42 12.89 -22.80 6.57
C PHE A 42 13.28 -23.86 5.54
N ALA A 43 13.14 -25.14 5.90
CA ALA A 43 13.46 -26.21 4.98
C ALA A 43 12.52 -26.13 3.76
N LEU A 44 11.24 -25.87 4.01
CA LEU A 44 10.28 -25.71 2.91
C LEU A 44 10.60 -24.48 2.04
N ALA A 45 10.90 -23.35 2.69
CA ALA A 45 11.22 -22.12 1.96
C ALA A 45 12.42 -22.29 1.04
N HIS A 46 13.49 -22.92 1.55
CA HIS A 46 14.65 -23.19 0.71
C HIS A 46 14.32 -24.12 -0.47
N THR A 47 13.43 -25.08 -0.22
CA THR A 47 13.01 -26.04 -1.26
C THR A 47 12.24 -25.35 -2.37
N VAL A 48 11.32 -24.47 -1.99
CA VAL A 48 10.55 -23.71 -2.97
C VAL A 48 11.42 -22.70 -3.71
N ARG A 49 12.32 -22.06 -2.96
CA ARG A 49 13.24 -21.10 -3.54
C ARG A 49 14.08 -21.73 -4.65
N ASP A 50 14.52 -22.97 -4.47
CA ASP A 50 15.30 -23.66 -5.50
C ASP A 50 14.57 -23.69 -6.85
N HIS A 51 13.25 -23.83 -6.81
CA HIS A 51 12.45 -23.81 -8.06
C HIS A 51 12.38 -22.45 -8.76
N LEU A 52 12.64 -21.37 -8.04
CA LEU A 52 12.70 -20.03 -8.63
C LEU A 52 13.97 -19.77 -9.42
N VAL A 53 15.10 -20.36 -9.01
CA VAL A 53 16.39 -19.77 -9.42
C VAL A 53 16.70 -20.01 -10.89
N GLY A 54 16.35 -21.19 -11.40
CA GLY A 54 16.54 -21.48 -12.81
C GLY A 54 15.80 -20.48 -13.69
N ARG A 55 14.55 -20.25 -13.34
CA ARG A 55 13.69 -19.29 -14.05
C ARG A 55 14.19 -17.85 -13.89
N TRP A 56 14.70 -17.53 -12.70
CA TRP A 56 15.29 -16.21 -12.41
C TRP A 56 16.50 -15.93 -13.28
N ILE A 57 17.43 -16.87 -13.32
CA ILE A 57 18.63 -16.71 -14.14
C ILE A 57 18.28 -16.58 -15.62
N ARG A 58 17.38 -17.41 -16.11
CA ARG A 58 17.08 -17.39 -17.54
C ARG A 58 16.19 -16.21 -17.94
N THR A 59 15.36 -15.72 -17.02
CA THR A 59 14.62 -14.48 -17.29
C THR A 59 15.61 -13.35 -17.52
N GLN A 60 16.57 -13.21 -16.61
CA GLN A 60 17.52 -12.09 -16.70
C GLN A 60 18.46 -12.23 -17.92
N GLN A 61 18.82 -13.46 -18.26
CA GLN A 61 19.58 -13.73 -19.49
C GLN A 61 18.76 -13.31 -20.72
N HIS A 62 17.49 -13.73 -20.76
CA HIS A 62 16.55 -13.33 -21.81
C HIS A 62 16.50 -11.83 -22.04
N TYR A 63 16.35 -11.04 -20.98
CA TYR A 63 16.35 -9.57 -21.11
C TYR A 63 17.68 -9.06 -21.66
N TYR A 64 18.79 -9.69 -21.31
CA TYR A 64 20.09 -9.32 -21.87
C TYR A 64 20.16 -9.58 -23.38
N GLU A 65 19.61 -10.72 -23.82
CA GLU A 65 19.62 -11.10 -25.24
C GLU A 65 18.71 -10.19 -26.05
N LYS A 66 17.46 -10.05 -25.61
CA LYS A 66 16.45 -9.28 -26.34
C LYS A 66 16.55 -7.76 -26.19
N ASP A 67 17.21 -7.30 -25.13
CA ASP A 67 17.36 -5.86 -24.84
C ASP A 67 16.06 -5.04 -24.97
N PRO A 68 14.99 -5.43 -24.26
CA PRO A 68 13.73 -4.70 -24.32
C PRO A 68 13.86 -3.39 -23.54
N LYS A 69 12.94 -2.47 -23.75
CA LYS A 69 12.84 -1.29 -22.90
C LYS A 69 12.60 -1.71 -21.44
N ARG A 70 13.37 -1.14 -20.52
CA ARG A 70 13.31 -1.54 -19.12
C ARG A 70 12.49 -0.54 -18.31
N ILE A 71 11.65 -1.05 -17.43
CA ILE A 71 10.81 -0.23 -16.57
C ILE A 71 11.37 -0.22 -15.13
N TYR A 72 11.63 0.96 -14.60
CA TYR A 72 12.19 1.08 -13.25
C TYR A 72 11.17 1.76 -12.35
N TYR A 73 10.65 1.00 -11.40
CA TYR A 73 9.64 1.49 -10.49
C TYR A 73 10.30 1.86 -9.16
N LEU A 74 10.46 3.16 -8.92
CA LEU A 74 11.18 3.67 -7.76
C LEU A 74 10.20 3.99 -6.65
N SER A 75 10.40 3.36 -5.50
CA SER A 75 9.51 3.55 -4.36
C SER A 75 10.30 3.45 -3.06
N LEU A 76 9.90 4.26 -2.08
CA LEU A 76 10.47 4.15 -0.75
C LEU A 76 9.82 3.04 0.08
N GLU A 77 8.76 2.42 -0.47
CA GLU A 77 7.99 1.40 0.24
C GLU A 77 7.58 0.26 -0.69
N PHE A 78 7.77 -0.96 -0.22
CA PHE A 78 7.27 -2.17 -0.88
C PHE A 78 6.69 -3.07 0.20
N TYR A 79 5.37 -3.06 0.34
CA TYR A 79 4.70 -3.73 1.44
C TYR A 79 4.37 -5.16 0.96
N MET A 80 5.33 -6.06 1.07
CA MET A 80 5.28 -7.34 0.35
C MET A 80 4.50 -8.42 1.10
N GLY A 81 4.46 -8.35 2.43
CA GLY A 81 3.89 -9.42 3.24
C GLY A 81 4.74 -10.67 3.17
N ARG A 82 4.11 -11.83 3.36
CA ARG A 82 4.79 -13.13 3.25
C ARG A 82 4.99 -13.56 1.80
N THR A 83 6.00 -14.38 1.58
CA THR A 83 6.43 -14.78 0.24
C THR A 83 6.18 -16.28 -0.08
N LEU A 84 6.14 -17.15 0.93
CA LEU A 84 6.11 -18.60 0.64
C LEU A 84 4.90 -19.03 -0.19
N GLN A 85 3.70 -18.74 0.31
CA GLN A 85 2.48 -19.13 -0.37
C GLN A 85 2.36 -18.47 -1.74
N ASN A 86 2.70 -17.18 -1.83
CA ASN A 86 2.63 -16.48 -3.11
C ASN A 86 3.49 -17.16 -4.17
N THR A 87 4.67 -17.62 -3.75
CA THR A 87 5.60 -18.26 -4.65
C THR A 87 5.03 -19.60 -5.12
N MET A 88 4.48 -20.36 -4.20
CA MET A 88 3.87 -21.65 -4.53
C MET A 88 2.72 -21.47 -5.51
N VAL A 89 1.88 -20.47 -5.27
CA VAL A 89 0.75 -20.17 -6.15
C VAL A 89 1.21 -19.86 -7.58
N ASN A 90 2.17 -18.94 -7.69
CA ASN A 90 2.65 -18.50 -9.00
C ASN A 90 3.44 -19.57 -9.76
N LEU A 91 3.97 -20.55 -9.05
CA LEU A 91 4.74 -21.64 -9.67
C LEU A 91 3.93 -22.94 -9.83
N ALA A 92 2.67 -22.92 -9.40
CA ALA A 92 1.78 -24.07 -9.49
C ALA A 92 2.23 -25.25 -8.61
N LEU A 93 2.73 -24.93 -7.42
CA LEU A 93 3.38 -25.91 -6.54
C LEU A 93 2.62 -26.17 -5.23
N GLU A 94 1.50 -25.50 -5.02
CA GLU A 94 0.83 -25.53 -3.73
C GLU A 94 0.36 -26.94 -3.29
N ASN A 95 -0.33 -27.65 -4.20
CA ASN A 95 -0.86 -28.98 -3.86
C ASN A 95 0.27 -30.01 -3.67
N ALA A 96 1.30 -29.91 -4.52
CA ALA A 96 2.47 -30.76 -4.42
C ALA A 96 3.18 -30.59 -3.09
N CYS A 97 3.41 -29.34 -2.68
CA CYS A 97 4.05 -29.07 -1.37
C CYS A 97 3.14 -29.47 -0.23
N ASP A 98 1.82 -29.34 -0.42
CA ASP A 98 0.87 -29.76 0.60
C ASP A 98 0.97 -31.28 0.80
N GLU A 99 0.96 -32.02 -0.29
CA GLU A 99 1.09 -33.48 -0.28
C GLU A 99 2.41 -33.90 0.35
N ALA A 100 3.52 -33.35 -0.17
CA ALA A 100 4.87 -33.66 0.30
C ALA A 100 5.03 -33.47 1.79
N THR A 101 4.61 -32.32 2.29
CA THR A 101 4.71 -32.02 3.72
C THR A 101 3.78 -32.92 4.54
N TYR A 102 2.59 -33.19 4.02
CA TYR A 102 1.65 -34.10 4.69
C TYR A 102 2.31 -35.49 4.88
N GLN A 103 2.94 -35.99 3.81
CA GLN A 103 3.63 -37.30 3.88
C GLN A 103 4.82 -37.33 4.84
N LEU A 104 5.39 -36.15 5.12
CA LEU A 104 6.44 -36.00 6.12
C LEU A 104 5.88 -35.82 7.53
N GLY A 105 4.56 -35.85 7.68
CA GLY A 105 3.91 -35.66 8.97
C GLY A 105 3.81 -34.22 9.43
N LEU A 106 3.73 -33.29 8.47
CA LEU A 106 3.71 -31.86 8.80
C LEU A 106 2.48 -31.19 8.18
N ASP A 107 1.99 -30.15 8.85
CA ASP A 107 0.87 -29.35 8.35
C ASP A 107 1.42 -28.05 7.73
N MET A 108 1.28 -27.92 6.43
CA MET A 108 1.85 -26.80 5.70
C MET A 108 1.28 -25.44 6.14
N GLU A 109 -0.01 -25.40 6.47
CA GLU A 109 -0.63 -24.13 6.89
C GLU A 109 -0.03 -23.60 8.18
N GLU A 110 0.39 -24.53 9.04
CA GLU A 110 1.04 -24.19 10.30
C GLU A 110 2.43 -23.64 10.05
N LEU A 111 3.14 -24.22 9.09
CA LEU A 111 4.47 -23.73 8.71
C LEU A 111 4.41 -22.34 8.06
N GLU A 112 3.33 -22.08 7.31
CA GLU A 112 3.16 -20.78 6.64
C GLU A 112 3.06 -19.63 7.64
N GLU A 113 2.44 -19.90 8.78
CA GLU A 113 2.24 -18.89 9.84
C GLU A 113 3.52 -18.45 10.52
N ILE A 114 4.60 -19.21 10.34
CA ILE A 114 5.87 -18.86 10.96
C ILE A 114 6.60 -17.71 10.25
N GLU A 115 6.38 -17.55 8.94
CA GLU A 115 7.09 -16.52 8.17
C GLU A 115 6.72 -15.11 8.67
N GLU A 116 7.71 -14.23 8.80
CA GLU A 116 7.48 -12.82 9.12
C GLU A 116 6.96 -12.09 7.89
N ASP A 117 6.03 -11.16 8.06
CA ASP A 117 5.77 -10.18 6.99
C ASP A 117 7.01 -9.35 6.64
N ALA A 118 7.24 -9.14 5.36
CA ALA A 118 8.14 -8.09 4.92
C ALA A 118 7.30 -6.82 4.92
N GLY A 119 7.29 -6.12 6.06
CA GLY A 119 6.43 -4.97 6.28
C GLY A 119 7.11 -3.66 5.95
N LEU A 120 7.65 -3.58 4.74
CA LEU A 120 8.40 -2.42 4.32
C LEU A 120 7.51 -1.34 3.72
N GLY A 121 6.35 -1.10 4.33
CA GLY A 121 5.47 0.00 3.93
C GLY A 121 4.47 0.35 5.01
N ASN A 122 3.77 1.47 4.81
CA ASN A 122 2.83 1.99 5.79
C ASN A 122 1.40 1.55 5.52
N GLY A 123 1.01 1.48 4.25
CA GLY A 123 -0.37 1.17 3.88
C GLY A 123 -0.54 1.03 2.39
N GLY A 124 -1.49 1.78 1.84
CA GLY A 124 -1.92 1.65 0.45
C GLY A 124 -0.85 1.89 -0.61
N LEU A 125 -0.04 2.91 -0.40
CA LEU A 125 0.99 3.26 -1.36
C LEU A 125 2.02 2.14 -1.46
N GLY A 126 2.48 1.64 -0.31
CA GLY A 126 3.43 0.54 -0.28
C GLY A 126 2.88 -0.77 -0.83
N ARG A 127 1.62 -1.04 -0.53
CA ARG A 127 1.00 -2.28 -1.00
C ARG A 127 0.72 -2.22 -2.51
N LEU A 128 0.39 -1.04 -3.02
CA LEU A 128 0.22 -0.83 -4.45
C LEU A 128 1.48 -1.20 -5.23
N ALA A 129 2.64 -0.78 -4.72
CA ALA A 129 3.92 -1.12 -5.34
C ALA A 129 4.10 -2.64 -5.37
N ALA A 130 3.71 -3.34 -4.32
CA ALA A 130 3.82 -4.80 -4.29
C ALA A 130 2.89 -5.48 -5.32
N CYS A 131 1.65 -5.03 -5.39
CA CYS A 131 0.69 -5.54 -6.38
C CYS A 131 1.19 -5.30 -7.79
N PHE A 132 1.74 -4.11 -8.01
CA PHE A 132 2.30 -3.74 -9.28
C PHE A 132 3.45 -4.65 -9.70
N LEU A 133 4.35 -4.98 -8.79
CA LEU A 133 5.47 -5.87 -9.17
C LEU A 133 4.95 -7.22 -9.65
N ASP A 134 3.95 -7.75 -8.96
CA ASP A 134 3.32 -9.02 -9.31
C ASP A 134 2.68 -8.95 -10.72
N SER A 135 1.95 -7.88 -10.99
CA SER A 135 1.32 -7.68 -12.31
C SER A 135 2.34 -7.48 -13.41
N MET A 136 3.42 -6.73 -13.13
CA MET A 136 4.43 -6.51 -14.17
C MET A 136 5.12 -7.82 -14.61
N ALA A 137 5.37 -8.70 -13.65
CA ALA A 137 5.95 -10.01 -13.94
C ALA A 137 4.95 -10.90 -14.68
N THR A 138 3.70 -10.87 -14.24
CA THR A 138 2.63 -11.63 -14.88
C THR A 138 2.40 -11.19 -16.34
N LEU A 139 2.63 -9.92 -16.63
CA LEU A 139 2.48 -9.37 -17.98
C LEU A 139 3.76 -9.33 -18.79
N GLY A 140 4.79 -10.00 -18.29
CA GLY A 140 6.02 -10.18 -19.05
C GLY A 140 6.82 -8.93 -19.32
N LEU A 141 6.68 -7.90 -18.49
CA LEU A 141 7.45 -6.66 -18.67
C LEU A 141 8.82 -6.76 -18.03
N ALA A 142 9.82 -6.15 -18.67
CA ALA A 142 11.18 -6.18 -18.12
C ALA A 142 11.29 -5.10 -17.04
N ALA A 143 10.76 -5.43 -15.86
CA ALA A 143 10.53 -4.45 -14.81
C ALA A 143 11.38 -4.74 -13.58
N TYR A 144 11.85 -3.67 -12.94
CA TYR A 144 12.64 -3.75 -11.72
C TYR A 144 12.05 -2.81 -10.69
N GLY A 145 11.84 -3.33 -9.50
CA GLY A 145 11.45 -2.52 -8.37
C GLY A 145 12.72 -2.14 -7.61
N TYR A 146 12.85 -0.86 -7.28
CA TYR A 146 14.02 -0.37 -6.55
C TYR A 146 13.58 0.38 -5.31
N GLY A 147 14.18 0.04 -4.17
CA GLY A 147 13.86 0.65 -2.91
C GLY A 147 14.97 0.49 -1.89
N ILE A 148 14.59 0.53 -0.62
CA ILE A 148 15.50 0.48 0.51
C ILE A 148 15.20 -0.74 1.34
N ARG A 149 16.24 -1.45 1.71
CA ARG A 149 16.10 -2.60 2.61
C ARG A 149 16.13 -2.10 4.04
N TYR A 150 14.95 -1.78 4.59
CA TYR A 150 14.90 -1.30 5.97
C TYR A 150 15.20 -2.48 6.89
N GLU A 151 16.02 -2.24 7.89
CA GLU A 151 16.26 -3.23 8.92
C GLU A 151 15.02 -3.43 9.79
N PHE A 152 14.29 -2.35 10.00
CA PHE A 152 13.05 -2.35 10.77
C PHE A 152 11.93 -1.75 9.92
N GLY A 153 10.90 -2.55 9.67
CA GLY A 153 9.76 -2.11 8.88
C GLY A 153 8.76 -1.41 9.78
N ILE A 154 7.50 -1.41 9.36
CA ILE A 154 6.46 -0.77 10.16
C ILE A 154 6.39 -1.49 11.54
N PHE A 155 6.32 -0.72 12.62
CA PHE A 155 6.33 -1.26 13.96
C PHE A 155 5.20 -2.29 14.22
N ASN A 156 5.47 -3.24 15.11
CA ASN A 156 4.44 -4.12 15.62
C ASN A 156 3.63 -3.37 16.64
N GLN A 157 2.30 -3.46 16.50
CA GLN A 157 1.38 -2.79 17.41
C GLN A 157 0.88 -3.74 18.48
N LYS A 158 1.08 -3.35 19.74
CA LYS A 158 0.47 -4.02 20.90
C LYS A 158 -0.54 -3.05 21.50
N ILE A 159 -1.61 -3.57 22.06
CA ILE A 159 -2.58 -2.75 22.79
C ILE A 159 -2.48 -3.06 24.29
N CYS A 160 -2.14 -2.05 25.09
CA CYS A 160 -1.98 -2.20 26.53
C CYS A 160 -2.91 -1.21 27.23
N GLY A 161 -3.90 -1.72 27.95
CA GLY A 161 -4.89 -0.86 28.62
C GLY A 161 -5.69 -0.04 27.63
N GLY A 162 -5.91 -0.61 26.45
CA GLY A 162 -6.61 0.08 25.38
C GLY A 162 -5.78 1.09 24.59
N TRP A 163 -4.50 1.27 24.93
CA TRP A 163 -3.62 2.20 24.23
C TRP A 163 -2.67 1.46 23.29
N GLN A 164 -2.39 2.06 22.13
CA GLN A 164 -1.34 1.54 21.25
C GLN A 164 0.04 1.69 21.89
N MET A 165 0.80 0.60 21.87
CA MET A 165 2.22 0.62 22.19
C MET A 165 2.95 0.10 20.93
N GLU A 166 4.13 0.64 20.68
CA GLU A 166 4.91 0.25 19.51
C GLU A 166 6.08 -0.63 19.93
N GLU A 167 6.39 -1.66 19.13
CA GLU A 167 7.70 -2.28 19.26
C GLU A 167 8.32 -2.53 17.91
N ALA A 168 9.65 -2.57 17.91
CA ALA A 168 10.40 -2.69 16.68
C ALA A 168 10.10 -4.01 15.98
N ASP A 169 9.98 -3.92 14.67
CA ASP A 169 9.68 -5.05 13.80
C ASP A 169 11.02 -5.60 13.33
N ASP A 170 11.61 -6.49 14.11
CA ASP A 170 12.93 -7.04 13.82
C ASP A 170 12.76 -8.22 12.85
N TRP A 171 12.31 -7.90 11.64
CA TRP A 171 11.84 -8.93 10.72
C TRP A 171 12.95 -9.84 10.17
N LEU A 172 14.21 -9.38 10.29
CA LEU A 172 15.36 -10.12 9.76
C LEU A 172 16.06 -11.00 10.82
N ARG A 173 15.51 -11.06 12.03
CA ARG A 173 16.13 -11.78 13.15
C ARG A 173 16.56 -13.21 12.81
N TYR A 174 15.67 -13.96 12.18
CA TYR A 174 15.92 -15.38 11.85
C TYR A 174 16.46 -15.58 10.43
N GLY A 175 16.75 -14.49 9.72
CA GLY A 175 17.18 -14.57 8.35
C GLY A 175 16.03 -14.44 7.36
N ASN A 176 16.36 -14.10 6.13
CA ASN A 176 15.40 -13.94 5.05
C ASN A 176 15.88 -14.83 3.90
N PRO A 177 15.23 -15.99 3.72
CA PRO A 177 15.73 -16.92 2.71
C PRO A 177 15.46 -16.47 1.27
N TRP A 178 14.63 -15.46 1.06
CA TRP A 178 14.23 -15.04 -0.27
C TRP A 178 15.23 -14.09 -0.95
N GLU A 179 15.94 -13.29 -0.16
CA GLU A 179 16.88 -12.32 -0.71
C GLU A 179 18.24 -12.93 -1.03
N LYS A 180 18.93 -12.32 -1.99
CA LYS A 180 20.32 -12.65 -2.28
C LYS A 180 21.14 -11.37 -2.20
N ALA A 181 22.08 -11.31 -1.25
CA ALA A 181 23.02 -10.19 -1.17
C ALA A 181 23.90 -10.17 -2.39
N ARG A 182 24.16 -8.98 -2.90
CA ARG A 182 25.02 -8.83 -4.06
C ARG A 182 26.12 -7.80 -3.75
N PRO A 183 26.97 -8.07 -2.74
CA PRO A 183 28.02 -7.10 -2.34
C PRO A 183 28.95 -6.67 -3.47
N GLU A 184 29.03 -7.50 -4.51
CA GLU A 184 29.83 -7.20 -5.69
C GLU A 184 29.29 -6.07 -6.59
N PHE A 185 28.03 -5.67 -6.40
CA PHE A 185 27.45 -4.55 -7.15
C PHE A 185 27.27 -3.31 -6.27
N THR A 186 28.03 -3.24 -5.18
CA THR A 186 28.02 -2.11 -4.26
C THR A 186 28.47 -0.82 -4.94
N LEU A 187 27.82 0.31 -4.62
CA LEU A 187 27.98 1.57 -5.34
C LEU A 187 28.13 2.71 -4.32
N PRO A 188 28.92 3.74 -4.65
CA PRO A 188 29.05 4.85 -3.72
C PRO A 188 27.96 5.93 -3.90
N VAL A 189 27.53 6.50 -2.78
CA VAL A 189 26.58 7.59 -2.75
C VAL A 189 27.20 8.75 -1.96
N HIS A 190 27.11 9.96 -2.51
CA HIS A 190 27.75 11.15 -1.94
C HIS A 190 26.79 12.08 -1.20
N PHE A 191 27.27 12.67 -0.09
CA PHE A 191 26.51 13.66 0.68
C PHE A 191 27.41 14.84 1.10
N TYR A 192 26.76 15.97 1.41
CA TYR A 192 27.42 17.20 1.86
C TYR A 192 28.38 17.75 0.79
N GLY A 193 29.59 18.18 1.20
CA GLY A 193 30.53 18.75 0.26
C GLY A 193 30.17 20.14 -0.24
N ARG A 194 30.73 20.50 -1.39
CA ARG A 194 30.52 21.83 -1.96
C ARG A 194 30.74 21.79 -3.45
N VAL A 195 30.31 22.84 -4.15
CA VAL A 195 30.42 22.88 -5.60
C VAL A 195 31.57 23.82 -6.01
N GLU A 196 32.46 23.31 -6.88
CA GLU A 196 33.50 24.12 -7.50
C GLU A 196 33.18 24.32 -8.96
N HIS A 197 33.34 25.55 -9.44
CA HIS A 197 33.18 25.84 -10.86
C HIS A 197 34.54 25.95 -11.51
N THR A 198 34.81 25.06 -12.47
CA THR A 198 36.04 25.11 -13.25
C THR A 198 35.68 25.66 -14.63
N SER A 199 36.68 25.77 -15.50
CA SER A 199 36.47 26.08 -16.91
C SER A 199 35.71 24.95 -17.59
N GLN A 200 35.96 23.72 -17.11
CA GLN A 200 35.32 22.52 -17.63
C GLN A 200 34.10 22.10 -16.78
N GLY A 201 33.24 23.05 -16.44
CA GLY A 201 31.97 22.77 -15.73
C GLY A 201 32.03 22.71 -14.22
N ALA A 202 30.88 22.39 -13.60
CA ALA A 202 30.81 22.27 -12.14
C ALA A 202 31.34 20.91 -11.66
N LYS A 203 31.82 20.89 -10.42
CA LYS A 203 32.35 19.67 -9.78
C LYS A 203 31.84 19.66 -8.35
N TRP A 204 31.35 18.50 -7.91
CA TRP A 204 30.86 18.33 -6.54
C TRP A 204 31.97 17.62 -5.77
N VAL A 205 32.57 18.31 -4.81
CA VAL A 205 33.81 17.87 -4.15
C VAL A 205 33.68 17.89 -2.64
N ASP A 206 34.65 17.26 -1.96
CA ASP A 206 34.73 17.20 -0.48
C ASP A 206 33.51 16.53 0.14
N THR A 207 33.02 15.50 -0.53
CA THR A 207 31.81 14.81 -0.07
C THR A 207 32.14 13.70 0.93
N GLN A 208 31.14 13.37 1.73
CA GLN A 208 31.13 12.15 2.53
C GLN A 208 30.54 11.03 1.69
N VAL A 209 31.12 9.84 1.78
CA VAL A 209 30.66 8.69 0.99
C VAL A 209 29.97 7.68 1.89
N VAL A 210 28.81 7.21 1.44
CA VAL A 210 28.17 6.04 2.02
C VAL A 210 28.03 5.00 0.88
N LEU A 211 28.26 3.73 1.18
CA LEU A 211 28.11 2.69 0.17
C LEU A 211 26.67 2.16 0.17
N ALA A 212 26.18 1.81 -1.02
CA ALA A 212 24.88 1.19 -1.20
C ALA A 212 25.10 -0.24 -1.67
N MET A 213 24.78 -1.19 -0.83
CA MET A 213 24.89 -2.61 -1.16
C MET A 213 23.52 -3.19 -1.54
N PRO A 214 23.40 -3.81 -2.72
CA PRO A 214 22.09 -4.32 -3.11
C PRO A 214 21.77 -5.73 -2.62
N TYR A 215 20.50 -5.95 -2.31
CA TYR A 215 19.95 -7.28 -2.05
C TYR A 215 18.82 -7.51 -3.06
N ASP A 216 18.86 -8.62 -3.79
CA ASP A 216 17.87 -8.95 -4.83
C ASP A 216 16.87 -9.99 -4.35
N THR A 217 15.59 -9.72 -4.57
CA THR A 217 14.51 -10.64 -4.24
C THR A 217 13.78 -10.98 -5.53
N PRO A 218 13.48 -12.27 -5.76
CA PRO A 218 12.77 -12.67 -6.98
C PRO A 218 11.28 -12.36 -6.90
N VAL A 219 10.72 -11.96 -8.05
CA VAL A 219 9.32 -11.65 -8.18
C VAL A 219 8.74 -12.50 -9.32
N PRO A 220 8.10 -13.62 -8.96
CA PRO A 220 7.57 -14.55 -9.96
C PRO A 220 6.26 -14.10 -10.58
N GLY A 221 6.14 -14.19 -11.90
CA GLY A 221 4.86 -13.99 -12.57
C GLY A 221 3.98 -15.21 -12.42
N TYR A 222 2.69 -15.07 -12.72
CA TYR A 222 1.74 -16.18 -12.57
C TYR A 222 1.85 -17.19 -13.73
N ARG A 223 2.48 -18.32 -13.44
CA ARG A 223 2.54 -19.50 -14.33
C ARG A 223 3.03 -19.19 -15.74
N ASN A 224 3.96 -18.26 -15.82
CA ASN A 224 4.57 -17.88 -17.09
C ASN A 224 6.09 -17.99 -17.10
N ASN A 225 6.65 -18.54 -16.02
CA ASN A 225 8.11 -18.71 -15.85
C ASN A 225 8.95 -17.41 -15.94
N VAL A 226 8.31 -16.26 -15.80
CA VAL A 226 9.03 -14.99 -15.72
C VAL A 226 9.36 -14.78 -14.24
N VAL A 227 10.61 -14.42 -13.95
CA VAL A 227 11.00 -14.03 -12.58
C VAL A 227 11.80 -12.74 -12.68
N ASN A 228 11.17 -11.66 -12.23
CA ASN A 228 11.75 -10.33 -12.23
C ASN A 228 12.45 -10.07 -10.91
N THR A 229 13.07 -8.91 -10.79
CA THR A 229 13.90 -8.58 -9.62
C THR A 229 13.38 -7.35 -8.88
N MET A 230 13.34 -7.43 -7.56
CA MET A 230 13.23 -6.27 -6.67
C MET A 230 14.60 -6.09 -6.03
N ARG A 231 15.23 -4.95 -6.27
CA ARG A 231 16.55 -4.66 -5.73
C ARG A 231 16.43 -3.60 -4.63
N LEU A 232 16.80 -3.98 -3.40
CA LEU A 232 16.73 -3.08 -2.27
C LEU A 232 18.14 -2.76 -1.74
N TRP A 233 18.39 -1.47 -1.50
CA TRP A 233 19.72 -0.99 -1.12
C TRP A 233 19.86 -0.92 0.39
N SER A 234 21.03 -1.32 0.88
CA SER A 234 21.39 -1.28 2.31
C SER A 234 22.63 -0.40 2.43
N ALA A 235 22.66 0.44 3.46
CA ALA A 235 23.73 1.41 3.66
C ALA A 235 24.90 0.77 4.41
N LYS A 236 26.11 0.97 3.90
CA LYS A 236 27.33 0.48 4.56
C LYS A 236 28.39 1.59 4.61
N ALA A 237 29.16 1.65 5.67
CA ALA A 237 30.24 2.64 5.77
C ALA A 237 31.45 2.16 4.95
N PRO A 238 32.17 3.07 4.29
CA PRO A 238 33.47 2.64 3.72
C PRO A 238 34.49 2.26 4.81
N ASN A 239 35.51 1.48 4.49
CA ASN A 239 36.40 0.93 5.55
C ASN A 239 37.43 1.90 6.15
N ASP A 240 37.71 2.98 5.42
CA ASP A 240 38.49 4.09 5.97
C ASP A 240 37.60 5.14 6.67
N PHE A 241 36.32 4.83 6.88
CA PHE A 241 35.34 5.77 7.49
C PHE A 241 35.76 6.20 8.89
N ASN A 242 35.84 7.53 9.08
CA ASN A 242 36.39 8.13 10.30
C ASN A 242 37.88 7.79 10.55
N LEU A 243 38.54 7.16 9.56
CA LEU A 243 39.89 6.63 9.71
C LEU A 243 40.81 7.12 8.59
N GLY A 249 40.62 4.18 20.93
CA GLY A 249 40.09 5.30 21.74
C GLY A 249 38.82 6.00 21.17
N GLY A 250 38.91 6.98 20.24
CA GLY A 250 39.99 7.14 19.27
C GLY A 250 39.69 6.16 18.14
N TYR A 251 40.53 5.15 18.00
CA TYR A 251 40.29 4.08 17.03
C TYR A 251 38.95 3.39 17.31
N ILE A 252 38.69 3.05 18.57
CA ILE A 252 37.46 2.34 18.92
C ILE A 252 36.22 3.18 18.55
N GLN A 253 36.22 4.45 18.95
CA GLN A 253 35.08 5.32 18.64
C GLN A 253 34.86 5.48 17.13
N ALA A 254 35.94 5.54 16.36
CA ALA A 254 35.82 5.63 14.88
C ALA A 254 35.10 4.42 14.28
N VAL A 255 35.39 3.22 14.81
CA VAL A 255 34.69 2.03 14.37
C VAL A 255 33.23 2.05 14.81
N LEU A 256 32.97 2.50 16.04
CA LEU A 256 31.59 2.54 16.53
C LEU A 256 30.76 3.57 15.78
N ASP A 257 31.40 4.62 15.26
CA ASP A 257 30.71 5.71 14.57
C ASP A 257 30.28 5.35 13.15
N ARG A 258 30.67 4.17 12.67
CA ARG A 258 30.15 3.64 11.40
C ARG A 258 28.62 3.58 11.38
N ASN A 259 28.00 3.43 12.55
CA ASN A 259 26.55 3.40 12.68
CA ASN A 259 26.54 3.41 12.68
C ASN A 259 25.88 4.68 12.15
N LEU A 260 26.57 5.81 12.24
CA LEU A 260 26.04 7.06 11.69
C LEU A 260 25.68 6.90 10.21
N ALA A 261 26.60 6.34 9.42
CA ALA A 261 26.35 6.13 8.00
C ALA A 261 25.28 5.09 7.74
N GLU A 262 25.30 4.02 8.53
CA GLU A 262 24.48 2.84 8.26
C GLU A 262 23.05 3.05 8.75
N ASN A 263 22.83 4.08 9.56
CA ASN A 263 21.48 4.43 9.99
C ASN A 263 20.54 4.83 8.87
N ILE A 264 21.06 5.16 7.70
CA ILE A 264 20.21 5.55 6.57
C ILE A 264 19.17 4.48 6.23
N SER A 265 19.56 3.21 6.29
CA SER A 265 18.63 2.12 5.97
C SER A 265 18.06 1.39 7.19
N ARG A 266 18.07 2.04 8.36
CA ARG A 266 17.72 1.33 9.57
C ARG A 266 16.22 1.15 9.74
N VAL A 267 15.44 2.19 9.47
CA VAL A 267 14.03 2.18 9.85
C VAL A 267 13.12 2.97 8.90
N LEU A 268 11.95 2.40 8.65
CA LEU A 268 10.91 3.02 7.86
C LEU A 268 10.21 4.09 8.68
N TYR A 269 10.10 5.30 8.16
CA TYR A 269 9.25 6.35 8.77
C TYR A 269 7.78 5.93 8.73
N PRO A 270 7.10 5.94 9.89
CA PRO A 270 5.70 5.48 10.00
C PRO A 270 4.62 6.59 9.95
N ASN A 271 5.03 7.83 9.71
CA ASN A 271 4.10 8.97 9.77
C ASN A 271 3.44 9.24 8.42
N ASP A 272 2.74 8.26 7.86
CA ASP A 272 2.22 8.46 6.50
C ASP A 272 1.15 9.53 6.48
N ASN A 273 1.08 10.21 5.36
CA ASN A 273 0.27 11.42 5.19
C ASN A 273 0.62 12.62 6.07
N PHE A 274 1.77 12.60 6.74
CA PHE A 274 2.24 13.77 7.46
C PHE A 274 3.71 14.05 7.19
N PHE A 275 3.97 14.98 6.27
CA PHE A 275 5.35 15.33 5.92
C PHE A 275 6.06 16.06 7.08
N GLU A 276 7.28 15.64 7.36
CA GLU A 276 8.17 16.31 8.29
C GLU A 276 9.52 16.52 7.60
N GLY A 277 10.10 17.71 7.74
CA GLY A 277 11.40 17.99 7.13
C GLY A 277 12.59 17.45 7.91
N LYS A 278 12.71 16.13 8.00
CA LYS A 278 13.79 15.52 8.76
C LYS A 278 14.95 15.12 7.85
N GLU A 279 16.17 15.45 8.27
CA GLU A 279 17.36 15.18 7.47
C GLU A 279 17.55 13.70 7.12
N LEU A 280 17.35 12.82 8.10
CA LEU A 280 17.52 11.40 7.85
C LEU A 280 16.58 10.91 6.73
N ARG A 281 15.35 11.40 6.69
CA ARG A 281 14.41 11.03 5.62
C ARG A 281 14.89 11.51 4.27
N LEU A 282 15.45 12.71 4.20
CA LEU A 282 16.00 13.21 2.95
C LEU A 282 17.18 12.36 2.50
N LYS A 283 18.02 11.94 3.44
CA LYS A 283 19.14 11.06 3.14
C LYS A 283 18.65 9.74 2.54
N GLN A 284 17.56 9.20 3.08
CA GLN A 284 16.99 7.95 2.55
C GLN A 284 16.55 8.13 1.11
N GLU A 285 15.89 9.24 0.85
CA GLU A 285 15.37 9.54 -0.47
C GLU A 285 16.50 9.71 -1.48
N TYR A 286 17.56 10.44 -1.13
CA TYR A 286 18.67 10.57 -2.05
C TYR A 286 19.43 9.26 -2.25
N PHE A 287 19.61 8.51 -1.17
CA PHE A 287 20.31 7.24 -1.18
C PHE A 287 19.71 6.28 -2.21
N VAL A 288 18.39 6.12 -2.18
CA VAL A 288 17.75 5.19 -3.13
C VAL A 288 17.88 5.68 -4.59
N VAL A 289 17.72 7.00 -4.79
CA VAL A 289 17.81 7.62 -6.11
C VAL A 289 19.21 7.55 -6.72
N ALA A 290 20.23 7.88 -5.93
CA ALA A 290 21.60 7.93 -6.46
C ALA A 290 22.12 6.55 -6.79
N ALA A 291 21.87 5.57 -5.91
CA ALA A 291 22.32 4.21 -6.18
C ALA A 291 21.58 3.61 -7.38
N THR A 292 20.27 3.83 -7.44
CA THR A 292 19.44 3.27 -8.49
C THR A 292 19.83 3.82 -9.87
N LEU A 293 20.04 5.12 -9.97
CA LEU A 293 20.37 5.74 -11.25
C LEU A 293 21.72 5.29 -11.79
N GLN A 294 22.70 5.03 -10.92
CA GLN A 294 23.98 4.49 -11.39
C GLN A 294 23.79 3.09 -11.93
N ASP A 295 22.94 2.32 -11.28
CA ASP A 295 22.62 0.97 -11.73
C ASP A 295 21.96 0.99 -13.10
N ILE A 296 21.03 1.93 -13.29
CA ILE A 296 20.29 2.09 -14.56
C ILE A 296 21.25 2.46 -15.70
N ILE A 297 22.11 3.44 -15.46
CA ILE A 297 23.03 3.91 -16.47
C ILE A 297 24.04 2.81 -16.83
N ARG A 298 24.54 2.10 -15.83
CA ARG A 298 25.45 0.98 -16.04
C ARG A 298 24.85 -0.06 -16.98
N ARG A 299 23.60 -0.45 -16.69
CA ARG A 299 22.89 -1.46 -17.48
C ARG A 299 22.60 -0.97 -18.90
N PHE A 300 22.32 0.33 -19.05
CA PHE A 300 22.11 0.94 -20.36
C PHE A 300 23.39 0.94 -21.22
N LYS A 301 24.52 1.28 -20.61
CA LYS A 301 25.79 1.31 -21.34
C LYS A 301 26.26 -0.10 -21.75
N SER A 302 25.87 -1.12 -20.99
CA SER A 302 26.27 -2.50 -21.25
C SER A 302 25.36 -3.19 -22.27
N SER A 303 25.07 -2.50 -23.38
CA SER A 303 24.29 -3.07 -24.47
C SER A 303 25.22 -3.52 -25.59
N ASN A 314 25.76 7.21 -26.46
CA ASN A 314 24.85 8.23 -26.97
C ASN A 314 23.47 8.15 -26.29
N PHE A 315 23.13 9.20 -25.55
CA PHE A 315 21.95 9.20 -24.69
C PHE A 315 20.64 9.58 -25.37
N ASP A 316 20.68 9.85 -26.68
CA ASP A 316 19.44 10.13 -27.41
C ASP A 316 18.48 8.94 -27.36
N ALA A 317 19.04 7.73 -27.26
CA ALA A 317 18.25 6.51 -27.19
C ALA A 317 17.85 6.09 -25.75
N PHE A 318 18.29 6.86 -24.76
CA PHE A 318 18.06 6.52 -23.35
C PHE A 318 16.56 6.37 -23.03
N PRO A 319 15.72 7.34 -23.44
CA PRO A 319 14.28 7.17 -23.23
C PRO A 319 13.61 6.05 -24.02
N ASP A 320 14.25 5.56 -25.08
CA ASP A 320 13.74 4.38 -25.79
C ASP A 320 14.04 3.08 -25.05
N LYS A 321 15.02 3.12 -24.14
CA LYS A 321 15.45 1.91 -23.43
C LYS A 321 15.15 1.97 -21.93
N VAL A 322 14.75 3.14 -21.42
CA VAL A 322 14.53 3.34 -20.00
C VAL A 322 13.25 4.14 -19.71
N ALA A 323 12.44 3.61 -18.80
CA ALA A 323 11.35 4.38 -18.17
C ALA A 323 11.54 4.36 -16.66
N ILE A 324 11.43 5.53 -16.04
CA ILE A 324 11.47 5.64 -14.58
C ILE A 324 10.12 6.17 -14.08
N GLN A 325 9.47 5.37 -13.22
CA GLN A 325 8.20 5.74 -12.62
C GLN A 325 8.44 6.13 -11.17
N LEU A 326 8.03 7.34 -10.83
CA LEU A 326 8.20 7.87 -9.49
C LEU A 326 6.93 7.63 -8.69
N ASN A 327 7.06 6.80 -7.64
CA ASN A 327 5.94 6.51 -6.74
C ASN A 327 5.79 7.65 -5.73
N ASP A 328 4.96 8.62 -6.09
CA ASP A 328 4.81 9.91 -5.40
C ASP A 328 6.12 10.70 -5.54
N THR A 329 6.29 11.75 -4.75
CA THR A 329 7.47 12.63 -4.84
C THR A 329 8.65 12.10 -4.05
N HIS A 330 8.48 10.97 -3.37
CA HIS A 330 9.53 10.53 -2.45
C HIS A 330 10.88 10.28 -3.17
N PRO A 331 10.84 9.79 -4.42
CA PRO A 331 12.06 9.68 -5.22
C PRO A 331 12.23 10.77 -6.26
N SER A 332 11.63 11.94 -6.01
CA SER A 332 11.68 13.08 -6.95
C SER A 332 13.09 13.59 -7.24
N LEU A 333 14.05 13.33 -6.35
CA LEU A 333 15.42 13.76 -6.61
C LEU A 333 16.03 13.03 -7.80
N ALA A 334 15.35 12.01 -8.33
CA ALA A 334 15.77 11.38 -9.58
C ALA A 334 15.89 12.39 -10.71
N ILE A 335 15.01 13.39 -10.72
CA ILE A 335 15.01 14.37 -11.80
C ILE A 335 16.31 15.19 -11.80
N PRO A 336 16.63 15.90 -10.69
CA PRO A 336 17.90 16.64 -10.68
C PRO A 336 19.16 15.75 -10.64
N GLU A 337 19.04 14.53 -10.12
CA GLU A 337 20.18 13.60 -10.17
C GLU A 337 20.51 13.15 -11.59
N LEU A 338 19.48 12.85 -12.37
CA LEU A 338 19.69 12.49 -13.77
C LEU A 338 20.32 13.67 -14.54
N MET A 339 19.84 14.87 -14.30
CA MET A 339 20.46 16.07 -14.89
C MET A 339 21.92 16.22 -14.47
N ARG A 340 22.19 16.03 -13.18
CA ARG A 340 23.55 16.11 -12.64
C ARG A 340 24.50 15.15 -13.37
N VAL A 341 24.08 13.90 -13.50
CA VAL A 341 24.89 12.90 -14.17
C VAL A 341 25.09 13.26 -15.64
N LEU A 342 24.02 13.63 -16.34
CA LEU A 342 24.12 13.93 -17.77
C LEU A 342 24.94 15.19 -18.06
N VAL A 343 24.75 16.23 -17.26
CA VAL A 343 25.44 17.50 -17.48
C VAL A 343 26.88 17.53 -16.92
N ASP A 344 27.04 17.16 -15.64
CA ASP A 344 28.33 17.27 -14.96
C ASP A 344 29.30 16.14 -15.30
N LEU A 345 28.79 14.93 -15.52
CA LEU A 345 29.67 13.78 -15.69
C LEU A 345 29.76 13.34 -17.15
N GLU A 346 28.61 13.29 -17.84
CA GLU A 346 28.59 12.88 -19.26
C GLU A 346 28.77 14.04 -20.24
N ARG A 347 28.71 15.28 -19.73
CA ARG A 347 29.00 16.49 -20.52
C ARG A 347 28.01 16.77 -21.64
N LEU A 348 26.75 16.38 -21.47
CA LEU A 348 25.70 16.78 -22.38
C LEU A 348 25.36 18.23 -22.09
N ASP A 349 24.93 18.95 -23.11
CA ASP A 349 24.46 20.31 -22.89
C ASP A 349 23.11 20.25 -22.17
N TRP A 350 22.78 21.32 -21.47
CA TRP A 350 21.59 21.37 -20.63
C TRP A 350 20.31 20.95 -21.36
N ASP A 351 20.07 21.54 -22.52
CA ASP A 351 18.80 21.33 -23.24
C ASP A 351 18.59 19.87 -23.65
N LYS A 352 19.66 19.23 -24.11
CA LYS A 352 19.60 17.84 -24.52
C LYS A 352 19.34 16.92 -23.31
N ALA A 353 20.05 17.18 -22.20
CA ALA A 353 19.86 16.43 -20.97
C ALA A 353 18.43 16.53 -20.44
N TRP A 354 17.86 17.73 -20.52
CA TRP A 354 16.50 17.98 -20.06
C TRP A 354 15.47 17.22 -20.90
N GLU A 355 15.68 17.20 -22.21
CA GLU A 355 14.83 16.44 -23.12
C GLU A 355 14.82 14.95 -22.75
N VAL A 356 16.00 14.39 -22.52
CA VAL A 356 16.14 13.00 -22.13
C VAL A 356 15.44 12.72 -20.80
N THR A 357 15.67 13.61 -19.84
CA THR A 357 15.10 13.47 -18.51
C THR A 357 13.58 13.45 -18.52
N VAL A 358 12.99 14.44 -19.19
CA VAL A 358 11.53 14.56 -19.28
C VAL A 358 10.90 13.31 -19.93
N LYS A 359 11.49 12.85 -21.02
CA LYS A 359 10.99 11.67 -21.72
C LYS A 359 11.21 10.37 -20.97
N THR A 360 12.12 10.38 -20.00
CA THR A 360 12.38 9.19 -19.20
C THR A 360 11.46 9.06 -17.97
N CYS A 361 11.15 10.20 -17.35
CA CYS A 361 10.47 10.24 -16.05
C CYS A 361 8.97 10.47 -16.13
N ALA A 362 8.24 9.81 -15.24
CA ALA A 362 6.81 9.99 -15.07
C ALA A 362 6.48 9.91 -13.59
N TYR A 363 5.45 10.66 -13.19
CA TYR A 363 5.15 10.88 -11.78
C TYR A 363 3.71 10.49 -11.46
N THR A 364 3.54 9.65 -10.44
CA THR A 364 2.23 9.32 -9.92
C THR A 364 1.99 10.03 -8.59
N ASN A 365 0.91 10.82 -8.54
CA ASN A 365 0.47 11.50 -7.33
C ASN A 365 -0.53 10.64 -6.59
N HIS A 366 -0.38 10.54 -5.27
CA HIS A 366 -1.25 9.74 -4.41
C HIS A 366 -1.92 10.54 -3.29
N THR A 367 -1.87 11.87 -3.33
CA THR A 367 -2.53 12.65 -2.26
C THR A 367 -3.01 14.02 -2.67
N VAL A 368 -4.04 14.50 -1.98
CA VAL A 368 -4.39 15.93 -2.04
C VAL A 368 -4.32 16.64 -0.70
N LEU A 369 -4.11 15.94 0.41
CA LEU A 369 -4.04 16.63 1.70
C LEU A 369 -2.77 17.48 1.74
N PRO A 370 -2.91 18.77 2.09
CA PRO A 370 -1.74 19.66 2.01
C PRO A 370 -0.57 19.26 2.92
N GLU A 371 -0.88 18.73 4.10
CA GLU A 371 0.15 18.34 5.04
C GLU A 371 0.95 17.09 4.61
N ALA A 372 0.47 16.40 3.58
CA ALA A 372 1.16 15.23 3.03
C ALA A 372 2.16 15.59 1.91
N LEU A 373 2.08 16.81 1.38
CA LEU A 373 2.98 17.23 0.29
C LEU A 373 4.38 17.51 0.80
N GLU A 374 5.39 17.03 0.06
CA GLU A 374 6.77 17.24 0.43
C GLU A 374 7.22 18.62 0.01
N ARG A 375 7.59 19.43 0.98
CA ARG A 375 8.11 20.77 0.74
C ARG A 375 9.38 20.95 1.59
N TRP A 376 10.53 20.63 1.01
CA TRP A 376 11.78 20.57 1.74
C TRP A 376 12.37 21.98 1.95
N PRO A 377 12.75 22.31 3.21
CA PRO A 377 13.47 23.56 3.46
C PRO A 377 14.73 23.66 2.62
N VAL A 378 14.91 24.82 1.99
CA VAL A 378 16.09 25.07 1.18
C VAL A 378 17.38 24.87 1.96
N HIS A 379 17.42 25.27 3.23
CA HIS A 379 18.64 25.18 4.04
C HIS A 379 19.14 23.74 4.20
N LEU A 380 18.21 22.78 4.26
CA LEU A 380 18.58 21.35 4.28
C LEU A 380 19.21 20.89 2.97
N LEU A 381 18.60 21.25 1.84
CA LEU A 381 19.15 20.87 0.53
C LEU A 381 20.50 21.53 0.30
N GLU A 382 20.61 22.78 0.73
CA GLU A 382 21.84 23.54 0.62
C GLU A 382 23.04 22.83 1.28
N THR A 383 22.82 22.33 2.49
CA THR A 383 23.88 21.64 3.23
C THR A 383 24.12 20.23 2.72
N LEU A 384 23.04 19.49 2.47
CA LEU A 384 23.19 18.06 2.13
C LEU A 384 23.51 17.81 0.68
N LEU A 385 22.90 18.59 -0.22
CA LEU A 385 22.92 18.32 -1.66
C LEU A 385 23.08 19.62 -2.44
N PRO A 386 24.21 20.31 -2.25
CA PRO A 386 24.37 21.65 -2.80
C PRO A 386 24.29 21.75 -4.31
N ARG A 387 24.75 20.72 -5.02
CA ARG A 387 24.70 20.73 -6.49
C ARG A 387 23.25 20.56 -7.00
N HIS A 388 22.49 19.70 -6.33
CA HIS A 388 21.08 19.49 -6.65
C HIS A 388 20.25 20.77 -6.49
N LEU A 389 20.50 21.51 -5.43
CA LEU A 389 19.79 22.78 -5.23
C LEU A 389 20.07 23.75 -6.40
N GLN A 390 21.31 23.80 -6.85
CA GLN A 390 21.67 24.65 -7.97
C GLN A 390 20.91 24.24 -9.22
N ILE A 391 20.87 22.93 -9.48
CA ILE A 391 20.16 22.40 -10.63
C ILE A 391 18.66 22.68 -10.53
N ILE A 392 18.09 22.54 -9.33
CA ILE A 392 16.68 22.83 -9.10
C ILE A 392 16.36 24.32 -9.37
N TYR A 393 17.24 25.21 -8.92
CA TYR A 393 17.06 26.64 -9.22
C TYR A 393 17.06 26.91 -10.73
N GLU A 394 17.97 26.27 -11.45
CA GLU A 394 18.07 26.41 -12.90
C GLU A 394 16.83 25.86 -13.62
N ILE A 395 16.34 24.70 -13.17
CA ILE A 395 15.10 24.13 -13.70
C ILE A 395 13.95 25.14 -13.50
N ASN A 396 13.90 25.73 -12.32
CA ASN A 396 12.81 26.64 -11.97
C ASN A 396 12.81 27.88 -12.86
N GLN A 397 13.99 28.47 -13.07
CA GLN A 397 14.12 29.67 -13.89
C GLN A 397 13.67 29.42 -15.34
N ARG A 398 14.09 28.30 -15.91
CA ARG A 398 13.72 27.96 -17.28
C ARG A 398 12.23 27.63 -17.41
N PHE A 399 11.68 26.94 -16.42
CA PHE A 399 10.25 26.61 -16.41
C PHE A 399 9.40 27.90 -16.30
N LEU A 400 9.76 28.76 -15.35
CA LEU A 400 9.04 30.02 -15.16
C LEU A 400 9.16 30.95 -16.38
N ASN A 401 10.26 30.88 -17.13
CA ASN A 401 10.35 31.61 -18.41
C ASN A 401 9.33 31.11 -19.43
N ARG A 402 9.07 29.81 -19.45
CA ARG A 402 7.99 29.29 -20.29
C ARG A 402 6.61 29.73 -19.83
N VAL A 403 6.40 29.78 -18.52
CA VAL A 403 5.10 30.21 -17.99
C VAL A 403 4.85 31.68 -18.39
N ALA A 404 5.88 32.51 -18.22
CA ALA A 404 5.81 33.94 -18.55
C ALA A 404 5.48 34.19 -20.01
N ALA A 405 6.05 33.39 -20.90
CA ALA A 405 5.81 33.55 -22.34
C ALA A 405 4.40 33.10 -22.72
N ALA A 406 3.85 32.12 -22.00
CA ALA A 406 2.52 31.60 -22.30
C ALA A 406 1.39 32.42 -21.66
N PHE A 407 1.67 33.06 -20.53
CA PHE A 407 0.66 33.83 -19.78
C PHE A 407 1.28 35.18 -19.39
N PRO A 408 1.57 36.04 -20.38
CA PRO A 408 2.31 37.27 -20.10
C PRO A 408 1.55 38.20 -19.16
N GLY A 409 2.26 38.76 -18.18
CA GLY A 409 1.68 39.66 -17.20
C GLY A 409 1.05 39.02 -15.99
N ASP A 410 0.89 37.69 -16.00
CA ASP A 410 0.20 36.98 -14.92
C ASP A 410 1.23 36.66 -13.85
N VAL A 411 1.52 37.66 -13.03
CA VAL A 411 2.57 37.57 -12.02
C VAL A 411 2.16 36.65 -10.88
N ASP A 412 0.86 36.56 -10.64
CA ASP A 412 0.36 35.68 -9.61
C ASP A 412 0.59 34.20 -9.97
N ARG A 413 0.38 33.88 -11.24
CA ARG A 413 0.60 32.53 -11.73
C ARG A 413 2.07 32.16 -11.55
N LEU A 414 2.97 33.11 -11.80
CA LEU A 414 4.40 32.84 -11.62
C LEU A 414 4.72 32.44 -10.18
N ARG A 415 4.19 33.15 -9.19
CA ARG A 415 4.50 32.75 -7.82
C ARG A 415 3.78 31.44 -7.44
N ARG A 416 2.58 31.19 -7.98
CA ARG A 416 1.87 29.95 -7.68
C ARG A 416 2.56 28.71 -8.25
N MET A 417 3.15 28.84 -9.43
CA MET A 417 3.74 27.71 -10.14
C MET A 417 5.21 27.47 -9.79
N SER A 418 5.84 28.41 -9.09
CA SER A 418 7.25 28.30 -8.79
C SER A 418 7.57 27.02 -8.01
N LEU A 419 8.71 26.42 -8.31
CA LEU A 419 9.19 25.27 -7.54
C LEU A 419 9.68 25.75 -6.18
N VAL A 420 10.05 27.03 -6.10
CA VAL A 420 10.54 27.62 -4.86
C VAL A 420 9.42 28.36 -4.17
N GLU A 421 9.10 27.97 -2.94
CA GLU A 421 8.10 28.65 -2.16
C GLU A 421 8.73 29.68 -1.24
N GLU A 422 8.30 30.92 -1.41
CA GLU A 422 8.80 32.01 -0.57
C GLU A 422 8.05 32.00 0.75
N GLY A 423 8.66 32.54 1.80
CA GLY A 423 8.04 32.59 3.11
C GLY A 423 9.05 32.70 4.24
N ALA A 424 8.59 32.49 5.46
CA ALA A 424 9.45 32.46 6.65
C ALA A 424 10.69 31.58 6.36
N VAL A 425 10.45 30.33 6.00
CA VAL A 425 11.51 29.47 5.47
C VAL A 425 11.19 29.20 4.01
N LYS A 426 12.20 29.37 3.16
CA LYS A 426 12.07 29.05 1.75
C LYS A 426 12.01 27.53 1.63
N ARG A 427 11.14 27.02 0.76
CA ARG A 427 10.99 25.56 0.55
C ARG A 427 10.92 25.22 -0.93
N ILE A 428 11.32 23.99 -1.26
CA ILE A 428 11.13 23.46 -2.60
C ILE A 428 9.89 22.58 -2.63
N ASN A 429 8.97 22.87 -3.54
CA ASN A 429 7.77 22.04 -3.72
C ASN A 429 8.11 20.88 -4.67
N MET A 430 8.21 19.68 -4.12
CA MET A 430 8.67 18.53 -4.90
C MET A 430 7.65 18.08 -5.95
N ALA A 431 6.36 18.33 -5.68
CA ALA A 431 5.32 18.02 -6.66
C ALA A 431 5.47 18.89 -7.89
N HIS A 432 5.77 20.18 -7.69
CA HIS A 432 6.01 21.06 -8.83
C HIS A 432 7.23 20.63 -9.61
N LEU A 433 8.28 20.21 -8.91
CA LEU A 433 9.49 19.68 -9.59
C LEU A 433 9.15 18.46 -10.46
N CYS A 434 8.34 17.55 -9.91
CA CYS A 434 7.98 16.33 -10.64
C CYS A 434 7.16 16.64 -11.89
N ILE A 435 6.22 17.58 -11.80
CA ILE A 435 5.40 17.91 -12.97
C ILE A 435 6.25 18.53 -14.08
N ALA A 436 7.10 19.48 -13.71
CA ALA A 436 8.02 20.11 -14.66
C ALA A 436 8.92 19.10 -15.36
N GLY A 437 9.38 18.11 -14.61
CA GLY A 437 10.39 17.18 -15.10
C GLY A 437 9.93 15.84 -15.63
N SER A 438 8.62 15.66 -15.80
CA SER A 438 8.01 14.42 -16.25
C SER A 438 7.16 14.62 -17.51
N HIS A 439 7.13 13.61 -18.37
CA HIS A 439 6.25 13.64 -19.55
C HIS A 439 4.82 13.19 -19.26
N ALA A 440 4.58 12.59 -18.10
CA ALA A 440 3.24 12.15 -17.70
C ALA A 440 3.09 12.30 -16.20
N VAL A 441 1.91 12.75 -15.80
CA VAL A 441 1.51 12.91 -14.42
C VAL A 441 0.14 12.26 -14.31
N ASN A 442 -0.02 11.32 -13.38
CA ASN A 442 -1.30 10.66 -13.19
C ASN A 442 -1.77 10.64 -11.75
N GLY A 443 -3.09 10.69 -11.59
CA GLY A 443 -3.76 10.35 -10.35
C GLY A 443 -4.20 8.89 -10.41
N VAL A 444 -4.85 8.44 -9.36
CA VAL A 444 -4.95 7.00 -9.07
C VAL A 444 -6.40 6.53 -9.04
N ALA A 445 -7.32 7.45 -9.36
CA ALA A 445 -8.73 7.14 -9.60
C ALA A 445 -9.34 8.30 -10.37
N ARG A 446 -10.44 8.06 -11.09
CA ARG A 446 -10.96 9.10 -11.98
C ARG A 446 -11.27 10.40 -11.25
N ILE A 447 -11.96 10.31 -10.12
CA ILE A 447 -12.34 11.52 -9.38
C ILE A 447 -11.10 12.30 -8.86
N HIS A 448 -10.09 11.57 -8.41
CA HIS A 448 -8.82 12.13 -7.94
C HIS A 448 -8.08 12.81 -9.09
N SER A 449 -7.97 12.16 -10.23
CA SER A 449 -7.29 12.76 -11.39
C SER A 449 -8.00 14.04 -11.86
N GLU A 450 -9.33 14.06 -11.74
CA GLU A 450 -10.11 15.27 -12.09
C GLU A 450 -9.87 16.38 -11.09
N ILE A 451 -9.82 16.03 -9.81
CA ILE A 451 -9.52 16.98 -8.75
C ILE A 451 -8.14 17.64 -8.95
N LEU A 452 -7.14 16.86 -9.39
CA LEU A 452 -5.81 17.38 -9.66
C LEU A 452 -5.81 18.45 -10.76
N LYS A 453 -6.62 18.24 -11.79
CA LYS A 453 -6.68 19.19 -12.92
C LYS A 453 -7.50 20.41 -12.60
N LYS A 454 -8.48 20.27 -11.71
CA LYS A 454 -9.39 21.36 -11.39
C LYS A 454 -8.92 22.21 -10.24
N THR A 455 -8.14 21.64 -9.31
CA THR A 455 -7.72 22.39 -8.13
C THR A 455 -6.19 22.50 -7.96
N ILE A 456 -5.54 21.54 -7.31
CA ILE A 456 -4.17 21.81 -6.89
C ILE A 456 -3.14 21.92 -7.99
N PHE A 457 -3.36 21.27 -9.13
CA PHE A 457 -2.44 21.43 -10.28
C PHE A 457 -3.09 22.08 -11.50
N LYS A 458 -4.13 22.87 -11.24
CA LYS A 458 -4.86 23.57 -12.29
C LYS A 458 -3.95 24.37 -13.20
N ASP A 459 -3.04 25.13 -12.62
CA ASP A 459 -2.13 26.00 -13.38
C ASP A 459 -1.25 25.19 -14.34
N PHE A 460 -0.79 24.03 -13.89
CA PHE A 460 0.07 23.14 -14.66
C PHE A 460 -0.69 22.48 -15.79
N TYR A 461 -1.91 22.06 -15.49
CA TYR A 461 -2.80 21.52 -16.51
C TYR A 461 -3.06 22.52 -17.64
N GLU A 462 -3.22 23.80 -17.30
CA GLU A 462 -3.46 24.84 -18.30
C GLU A 462 -2.24 25.05 -19.18
N LEU A 463 -1.04 24.91 -18.59
CA LEU A 463 0.19 25.05 -19.36
C LEU A 463 0.46 23.81 -20.24
N GLU A 464 0.28 22.62 -19.67
CA GLU A 464 0.65 21.37 -20.38
C GLU A 464 -0.41 20.28 -20.22
N PRO A 465 -1.58 20.47 -20.86
CA PRO A 465 -2.71 19.57 -20.67
C PRO A 465 -2.43 18.12 -21.02
N HIS A 466 -1.57 17.92 -22.03
CA HIS A 466 -1.20 16.60 -22.51
C HIS A 466 -0.49 15.72 -21.48
N LYS A 467 0.12 16.32 -20.46
CA LYS A 467 0.83 15.54 -19.42
C LYS A 467 -0.09 14.76 -18.49
N PHE A 468 -1.32 15.24 -18.30
CA PHE A 468 -2.20 14.73 -17.26
C PHE A 468 -3.06 13.54 -17.69
N GLN A 469 -2.94 12.47 -16.90
CA GLN A 469 -3.65 11.23 -17.13
C GLN A 469 -4.29 10.71 -15.85
N ASN A 470 -5.16 9.72 -16.02
CA ASN A 470 -5.70 8.87 -14.96
C ASN A 470 -5.21 7.42 -15.14
N LYS A 471 -4.87 6.78 -14.03
CA LYS A 471 -4.66 5.35 -13.97
C LYS A 471 -5.29 4.83 -12.70
N THR A 472 -6.52 4.35 -12.81
CA THR A 472 -7.22 3.88 -11.65
C THR A 472 -6.48 2.66 -11.08
N ASN A 473 -6.31 2.68 -9.77
CA ASN A 473 -5.62 1.62 -9.03
C ASN A 473 -6.29 0.24 -9.18
N GLY A 474 -5.54 -0.78 -8.79
CA GLY A 474 -6.02 -2.14 -8.78
C GLY A 474 -5.27 -2.97 -7.75
N ILE A 475 -5.67 -4.22 -7.62
CA ILE A 475 -5.04 -5.17 -6.71
C ILE A 475 -4.78 -6.48 -7.46
N THR A 476 -3.80 -7.26 -7.00
CA THR A 476 -3.50 -8.48 -7.72
C THR A 476 -4.45 -9.58 -7.30
N PRO A 477 -5.10 -10.22 -8.27
CA PRO A 477 -6.02 -11.29 -7.88
C PRO A 477 -5.32 -12.59 -7.45
N ARG A 478 -4.00 -12.67 -7.60
CA ARG A 478 -3.28 -13.82 -7.05
C ARG A 478 -3.29 -13.80 -5.53
N ARG A 479 -2.66 -12.79 -4.92
CA ARG A 479 -2.70 -12.68 -3.47
C ARG A 479 -4.11 -12.47 -2.93
N TRP A 480 -4.90 -11.63 -3.60
CA TRP A 480 -6.14 -11.14 -2.99
C TRP A 480 -7.38 -11.96 -3.35
N LEU A 481 -7.20 -13.09 -4.02
CA LEU A 481 -8.31 -14.05 -4.18
C LEU A 481 -7.81 -15.49 -4.05
N VAL A 482 -6.92 -15.90 -4.94
CA VAL A 482 -6.47 -17.32 -5.00
C VAL A 482 -5.74 -17.73 -3.72
N LEU A 483 -4.82 -16.88 -3.31
CA LEU A 483 -4.05 -17.13 -2.10
C LEU A 483 -4.89 -17.03 -0.83
N CYS A 484 -5.62 -15.93 -0.63
CA CYS A 484 -6.31 -15.74 0.63
C CYS A 484 -7.72 -16.39 0.70
N ASN A 485 -8.32 -16.71 -0.44
CA ASN A 485 -9.69 -17.22 -0.45
C ASN A 485 -9.82 -18.37 -1.47
N PRO A 486 -9.11 -19.49 -1.21
CA PRO A 486 -9.09 -20.57 -2.20
C PRO A 486 -10.48 -21.20 -2.42
N GLY A 487 -11.28 -21.25 -1.36
CA GLY A 487 -12.67 -21.73 -1.46
C GLY A 487 -13.50 -20.99 -2.49
N LEU A 488 -13.40 -19.65 -2.48
CA LEU A 488 -14.11 -18.84 -3.44
C LEU A 488 -13.53 -19.01 -4.83
N ALA A 489 -12.20 -19.02 -4.94
CA ALA A 489 -11.54 -19.22 -6.22
C ALA A 489 -12.00 -20.53 -6.88
N GLU A 490 -12.19 -21.55 -6.06
CA GLU A 490 -12.49 -22.90 -6.57
C GLU A 490 -13.92 -22.98 -7.12
N ILE A 491 -14.90 -22.48 -6.36
CA ILE A 491 -16.30 -22.51 -6.83
C ILE A 491 -16.48 -21.64 -8.07
N ILE A 492 -15.72 -20.55 -8.20
CA ILE A 492 -15.71 -19.82 -9.45
C ILE A 492 -15.09 -20.63 -10.59
N ALA A 493 -13.96 -21.27 -10.33
CA ALA A 493 -13.26 -22.02 -11.39
C ALA A 493 -14.13 -23.20 -11.88
N GLU A 494 -14.91 -23.77 -10.98
CA GLU A 494 -15.82 -24.88 -11.33
C GLU A 494 -16.78 -24.49 -12.45
N ARG A 495 -17.26 -23.26 -12.43
CA ARG A 495 -18.23 -22.78 -13.41
C ARG A 495 -17.55 -22.23 -14.66
N ILE A 496 -16.50 -21.42 -14.49
CA ILE A 496 -15.97 -20.67 -15.64
C ILE A 496 -14.50 -20.95 -15.97
N GLY A 497 -13.89 -21.92 -15.31
CA GLY A 497 -12.53 -22.30 -15.63
C GLY A 497 -11.53 -21.43 -14.87
N GLU A 498 -10.26 -21.54 -15.23
CA GLU A 498 -9.18 -20.92 -14.47
C GLU A 498 -8.60 -19.66 -15.06
N GLU A 499 -8.99 -19.34 -16.30
CA GLU A 499 -8.39 -18.23 -17.04
C GLU A 499 -8.57 -16.85 -16.40
N TYR A 500 -9.59 -16.72 -15.55
CA TYR A 500 -9.92 -15.44 -14.95
C TYR A 500 -8.84 -14.95 -13.99
N ILE A 501 -8.02 -15.87 -13.49
CA ILE A 501 -6.96 -15.52 -12.53
C ILE A 501 -5.95 -14.54 -13.15
N SER A 502 -5.71 -14.64 -14.45
CA SER A 502 -4.88 -13.65 -15.15
C SER A 502 -5.66 -12.84 -16.20
N ASP A 503 -6.98 -12.87 -16.12
CA ASP A 503 -7.83 -12.06 -16.98
C ASP A 503 -9.13 -11.86 -16.22
N LEU A 504 -9.10 -10.94 -15.25
CA LEU A 504 -10.15 -10.89 -14.24
C LEU A 504 -11.50 -10.42 -14.79
N ASP A 505 -11.49 -9.78 -15.96
CA ASP A 505 -12.75 -9.37 -16.62
C ASP A 505 -13.67 -10.57 -16.92
N GLN A 506 -13.11 -11.77 -16.99
CA GLN A 506 -13.92 -12.99 -17.19
C GLN A 506 -14.91 -13.25 -16.07
N LEU A 507 -14.71 -12.64 -14.89
CA LEU A 507 -15.68 -12.77 -13.81
C LEU A 507 -17.10 -12.28 -14.21
N ARG A 508 -17.21 -11.45 -15.25
CA ARG A 508 -18.52 -11.02 -15.75
C ARG A 508 -19.40 -12.20 -16.14
N LYS A 509 -18.79 -13.31 -16.54
CA LYS A 509 -19.53 -14.52 -16.85
C LYS A 509 -20.37 -15.02 -15.68
N LEU A 510 -20.00 -14.64 -14.46
CA LEU A 510 -20.76 -15.05 -13.28
C LEU A 510 -22.14 -14.41 -13.19
N LEU A 511 -22.40 -13.36 -13.95
CA LEU A 511 -23.73 -12.75 -13.98
C LEU A 511 -24.80 -13.78 -14.38
N SER A 512 -24.45 -14.69 -15.28
CA SER A 512 -25.41 -15.71 -15.72
C SER A 512 -25.67 -16.79 -14.66
N TYR A 513 -25.09 -16.66 -13.46
CA TYR A 513 -25.35 -17.57 -12.35
C TYR A 513 -26.03 -16.89 -11.15
N VAL A 514 -26.48 -15.65 -11.33
CA VAL A 514 -27.09 -14.90 -10.24
C VAL A 514 -28.43 -15.50 -9.76
N ASP A 515 -29.09 -16.26 -10.64
CA ASP A 515 -30.33 -16.96 -10.29
C ASP A 515 -30.16 -18.47 -10.13
N ASP A 516 -28.91 -18.94 -10.10
CA ASP A 516 -28.60 -20.35 -9.97
C ASP A 516 -28.58 -20.72 -8.49
N GLU A 517 -29.49 -21.59 -8.09
CA GLU A 517 -29.65 -21.94 -6.68
C GLU A 517 -28.41 -22.61 -6.08
N ALA A 518 -27.72 -23.42 -6.91
CA ALA A 518 -26.52 -24.12 -6.47
C ALA A 518 -25.38 -23.13 -6.17
N PHE A 519 -25.16 -22.21 -7.10
CA PHE A 519 -24.11 -21.18 -6.95
C PHE A 519 -24.37 -20.28 -5.75
N ILE A 520 -25.61 -19.78 -5.63
CA ILE A 520 -26.01 -18.97 -4.47
C ILE A 520 -25.63 -19.68 -3.17
N ARG A 521 -25.97 -20.97 -3.06
CA ARG A 521 -25.66 -21.74 -1.86
C ARG A 521 -24.14 -21.89 -1.63
N ASP A 522 -23.38 -22.10 -2.70
CA ASP A 522 -21.93 -22.27 -2.59
C ASP A 522 -21.23 -20.97 -2.18
N VAL A 523 -21.65 -19.85 -2.77
CA VAL A 523 -21.09 -18.53 -2.41
C VAL A 523 -21.30 -18.26 -0.93
N ALA A 524 -22.53 -18.50 -0.45
CA ALA A 524 -22.85 -18.30 0.97
C ALA A 524 -22.13 -19.30 1.88
N LYS A 525 -21.94 -20.54 1.43
CA LYS A 525 -21.21 -21.53 2.22
C LYS A 525 -19.73 -21.14 2.42
N VAL A 526 -19.11 -20.67 1.35
CA VAL A 526 -17.71 -20.22 1.39
C VAL A 526 -17.51 -19.07 2.39
N LYS A 527 -18.40 -18.09 2.35
CA LYS A 527 -18.37 -17.00 3.31
C LYS A 527 -18.51 -17.53 4.75
N GLN A 528 -19.48 -18.43 4.96
CA GLN A 528 -19.68 -18.98 6.29
C GLN A 528 -18.46 -19.73 6.83
N GLU A 529 -17.81 -20.51 5.97
CA GLU A 529 -16.59 -21.22 6.36
C GLU A 529 -15.47 -20.22 6.70
N ASN A 530 -15.34 -19.16 5.90
CA ASN A 530 -14.33 -18.14 6.18
C ASN A 530 -14.55 -17.48 7.51
N LYS A 531 -15.82 -17.20 7.82
CA LYS A 531 -16.18 -16.55 9.07
C LYS A 531 -15.92 -17.46 10.28
N LEU A 532 -16.20 -18.75 10.14
CA LEU A 532 -15.90 -19.71 11.21
C LEU A 532 -14.40 -19.80 11.44
N LYS A 533 -13.63 -19.91 10.36
CA LYS A 533 -12.19 -19.98 10.45
C LYS A 533 -11.62 -18.75 11.17
N PHE A 534 -12.13 -17.56 10.84
CA PHE A 534 -11.64 -16.33 11.46
C PHE A 534 -12.07 -16.19 12.93
N ALA A 535 -13.31 -16.58 13.22
CA ALA A 535 -13.83 -16.56 14.59
C ALA A 535 -12.98 -17.44 15.52
N ALA A 536 -12.50 -18.55 14.98
CA ALA A 536 -11.64 -19.49 15.71
C ALA A 536 -10.21 -18.95 15.85
N TYR A 537 -9.71 -18.29 14.81
CA TYR A 537 -8.40 -17.62 14.89
C TYR A 537 -8.42 -16.59 16.01
N LEU A 538 -9.53 -15.88 16.13
CA LEU A 538 -9.69 -14.87 17.17
C LEU A 538 -9.57 -15.48 18.56
N GLU A 539 -10.35 -16.52 18.85
CA GLU A 539 -10.25 -17.21 20.15
C GLU A 539 -8.84 -17.77 20.40
N ARG A 540 -8.30 -18.52 19.45
CA ARG A 540 -6.96 -19.11 19.57
C ARG A 540 -5.90 -18.09 20.01
N GLU A 541 -5.67 -17.07 19.17
CA GLU A 541 -4.56 -16.13 19.35
C GLU A 541 -4.84 -14.91 20.24
N TYR A 542 -6.11 -14.66 20.57
CA TYR A 542 -6.46 -13.47 21.35
C TYR A 542 -7.57 -13.63 22.39
N LYS A 543 -7.94 -14.87 22.72
CA LYS A 543 -9.01 -15.16 23.70
C LYS A 543 -10.23 -14.23 23.54
N VAL A 544 -10.64 -14.03 22.29
CA VAL A 544 -11.81 -13.21 21.95
C VAL A 544 -12.88 -14.10 21.31
N HIS A 545 -14.14 -13.77 21.57
CA HIS A 545 -15.25 -14.73 21.59
C HIS A 545 -16.49 -14.21 20.86
N ILE A 546 -16.52 -14.44 19.54
CA ILE A 546 -17.54 -13.81 18.68
C ILE A 546 -18.59 -14.78 18.13
N ASN A 547 -19.79 -14.27 17.92
CA ASN A 547 -20.88 -15.01 17.30
C ASN A 547 -20.72 -15.04 15.78
N PRO A 548 -20.44 -16.23 15.19
CA PRO A 548 -20.18 -16.27 13.76
C PRO A 548 -21.43 -16.18 12.88
N ASN A 549 -22.61 -16.09 13.47
CA ASN A 549 -23.84 -15.82 12.71
C ASN A 549 -24.14 -14.34 12.52
N SER A 550 -23.43 -13.49 13.25
CA SER A 550 -23.59 -12.04 13.13
C SER A 550 -23.04 -11.50 11.81
N LEU A 551 -23.49 -10.31 11.44
CA LEU A 551 -22.95 -9.60 10.29
C LEU A 551 -21.55 -9.10 10.67
N PHE A 552 -20.54 -9.46 9.90
CA PHE A 552 -19.17 -9.02 10.13
C PHE A 552 -18.93 -7.68 9.42
N ASP A 553 -18.89 -6.63 10.23
CA ASP A 553 -18.83 -5.21 9.80
C ASP A 553 -17.40 -4.74 10.08
N VAL A 554 -16.64 -4.49 9.02
CA VAL A 554 -15.18 -4.39 9.12
C VAL A 554 -14.65 -3.10 8.54
N GLN A 555 -13.86 -2.38 9.34
CA GLN A 555 -13.13 -1.22 8.83
C GLN A 555 -11.66 -1.39 9.21
N VAL A 556 -10.84 -1.75 8.22
CA VAL A 556 -9.41 -1.90 8.42
C VAL A 556 -8.62 -1.04 7.42
N LYS A 557 -7.69 -0.25 7.96
CA LYS A 557 -6.90 0.72 7.21
C LYS A 557 -6.17 1.53 8.29
N ARG A 558 -5.16 2.31 7.91
CA ARG A 558 -4.49 3.16 8.90
C ARG A 558 -5.49 4.13 9.54
N ILE A 559 -5.22 4.50 10.79
CA ILE A 559 -6.09 5.40 11.55
C ILE A 559 -5.74 6.85 11.15
N HIS A 560 -6.70 7.53 10.55
CA HIS A 560 -6.55 8.95 10.20
C HIS A 560 -7.91 9.59 10.34
N GLU A 561 -7.94 10.86 10.76
CA GLU A 561 -9.19 11.60 10.80
C GLU A 561 -9.98 11.58 9.47
N TYR A 562 -9.29 11.69 8.33
CA TYR A 562 -10.00 11.71 7.04
C TYR A 562 -10.72 10.42 6.73
N LYS A 563 -10.21 9.29 7.24
CA LYS A 563 -10.83 7.99 7.01
C LYS A 563 -12.08 7.76 7.89
N ARG A 564 -12.23 8.59 8.93
CA ARG A 564 -13.45 8.69 9.73
C ARG A 564 -13.86 7.40 10.46
N GLN A 565 -12.87 6.73 11.06
CA GLN A 565 -13.16 5.71 12.06
C GLN A 565 -14.11 6.29 13.12
N LEU A 566 -14.00 7.59 13.40
CA LEU A 566 -14.92 8.23 14.36
C LEU A 566 -16.40 8.18 13.95
N LEU A 567 -16.69 8.28 12.66
CA LEU A 567 -18.06 8.17 12.19
C LEU A 567 -18.61 6.77 12.48
N ASN A 568 -17.80 5.75 12.22
CA ASN A 568 -18.12 4.36 12.57
C ASN A 568 -18.43 4.27 14.06
N CYS A 569 -17.56 4.83 14.90
CA CYS A 569 -17.77 4.82 16.35
C CYS A 569 -19.11 5.40 16.77
N LEU A 570 -19.52 6.50 16.12
CA LEU A 570 -20.79 7.13 16.44
C LEU A 570 -21.95 6.22 16.09
N HIS A 571 -21.84 5.47 14.99
CA HIS A 571 -22.87 4.49 14.63
C HIS A 571 -22.94 3.36 15.66
N VAL A 572 -21.78 2.83 16.05
CA VAL A 572 -21.72 1.78 17.04
C VAL A 572 -22.45 2.19 18.33
N ILE A 573 -22.17 3.39 18.82
CA ILE A 573 -22.79 3.90 20.06
C ILE A 573 -24.30 4.13 19.87
N THR A 574 -24.70 4.56 18.67
CA THR A 574 -26.11 4.69 18.31
C THR A 574 -26.84 3.32 18.44
N LEU A 575 -26.24 2.26 17.90
CA LEU A 575 -26.83 0.92 17.98
C LEU A 575 -26.94 0.45 19.42
N TYR A 576 -25.90 0.71 20.20
CA TYR A 576 -25.90 0.37 21.61
C TYR A 576 -27.03 1.10 22.35
N ASN A 577 -27.11 2.41 22.16
CA ASN A 577 -28.17 3.21 22.81
C ASN A 577 -29.59 2.78 22.41
N ARG A 578 -29.80 2.46 21.14
CA ARG A 578 -31.09 1.95 20.67
C ARG A 578 -31.48 0.62 21.34
N ILE A 579 -30.51 -0.28 21.50
CA ILE A 579 -30.75 -1.54 22.20
C ILE A 579 -31.12 -1.27 23.66
N LYS A 580 -30.35 -0.43 24.33
CA LYS A 580 -30.64 -0.11 25.72
C LYS A 580 -32.02 0.54 25.91
N LYS A 581 -32.46 1.29 24.91
CA LYS A 581 -33.76 1.94 24.93
C LYS A 581 -34.92 0.95 24.73
N GLU A 582 -34.76 0.00 23.82
CA GLU A 582 -35.78 -1.05 23.56
C GLU A 582 -35.13 -2.42 23.52
N PRO A 583 -34.75 -2.95 24.69
CA PRO A 583 -33.92 -4.14 24.72
C PRO A 583 -34.59 -5.41 24.20
N ASN A 584 -35.92 -5.45 24.19
CA ASN A 584 -36.64 -6.66 23.78
C ASN A 584 -37.08 -6.64 22.33
N LYS A 585 -36.61 -5.65 21.57
CA LYS A 585 -36.84 -5.55 20.14
C LYS A 585 -35.74 -6.30 19.39
N PHE A 586 -36.08 -6.90 18.26
CA PHE A 586 -35.10 -7.64 17.47
C PHE A 586 -34.23 -6.69 16.64
N VAL A 587 -32.91 -6.89 16.68
CA VAL A 587 -31.96 -6.21 15.79
C VAL A 587 -31.04 -7.25 15.15
N VAL A 588 -30.63 -7.01 13.91
CA VAL A 588 -29.68 -7.90 13.26
C VAL A 588 -28.37 -7.85 14.04
N PRO A 589 -27.89 -9.01 14.52
CA PRO A 589 -26.67 -9.03 15.30
C PRO A 589 -25.46 -8.64 14.46
N ARG A 590 -24.53 -7.91 15.07
CA ARG A 590 -23.31 -7.48 14.38
C ARG A 590 -22.09 -7.72 15.21
N THR A 591 -21.00 -8.02 14.51
CA THR A 591 -19.67 -7.92 15.09
C THR A 591 -18.96 -6.82 14.32
N VAL A 592 -18.66 -5.73 15.01
CA VAL A 592 -18.00 -4.59 14.40
C VAL A 592 -16.52 -4.69 14.71
N MET A 593 -15.71 -4.80 13.67
CA MET A 593 -14.28 -4.91 13.82
C MET A 593 -13.61 -3.69 13.17
N ILE A 594 -12.77 -3.03 13.94
CA ILE A 594 -12.00 -1.90 13.45
C ILE A 594 -10.55 -2.20 13.74
N GLY A 595 -9.68 -2.00 12.76
CA GLY A 595 -8.26 -2.24 12.95
C GLY A 595 -7.40 -1.29 12.16
N GLY A 596 -6.18 -1.10 12.65
CA GLY A 596 -5.21 -0.24 11.95
C GLY A 596 -4.23 0.39 12.90
N LYS A 597 -3.07 0.75 12.35
CA LYS A 597 -2.01 1.38 13.13
C LYS A 597 -2.13 2.90 13.08
N ALA A 598 -1.78 3.53 14.20
CA ALA A 598 -1.65 4.99 14.26
C ALA A 598 -0.17 5.37 14.24
N ALA A 599 0.14 6.47 13.55
CA ALA A 599 1.50 6.99 13.53
C ALA A 599 1.87 7.38 14.97
N PRO A 600 3.09 7.03 15.41
CA PRO A 600 3.44 7.20 16.83
C PRO A 600 3.26 8.61 17.41
N GLY A 601 3.41 9.66 16.61
CA GLY A 601 3.24 11.03 17.15
C GLY A 601 1.89 11.69 16.90
N TYR A 602 0.91 10.93 16.42
CA TYR A 602 -0.37 11.47 15.97
C TYR A 602 -1.35 11.25 17.11
N HIS A 603 -1.44 12.25 17.96
CA HIS A 603 -2.18 12.15 19.21
C HIS A 603 -3.66 11.81 19.00
N MET A 604 -4.32 12.49 18.06
CA MET A 604 -5.75 12.24 17.82
C MET A 604 -5.99 10.79 17.35
N ALA A 605 -5.09 10.27 16.51
CA ALA A 605 -5.22 8.87 16.07
C ALA A 605 -5.08 7.90 17.25
N LYS A 606 -4.19 8.23 18.18
CA LYS A 606 -4.01 7.40 19.35
C LYS A 606 -5.23 7.46 20.27
N MET A 607 -5.87 8.62 20.36
CA MET A 607 -7.08 8.77 21.17
C MET A 607 -8.26 8.00 20.57
N ILE A 608 -8.30 7.92 19.24
CA ILE A 608 -9.35 7.18 18.55
C ILE A 608 -9.28 5.69 18.80
N ILE A 609 -8.07 5.13 18.80
CA ILE A 609 -7.88 3.73 19.17
C ILE A 609 -8.38 3.51 20.60
N LYS A 610 -8.00 4.41 21.50
CA LYS A 610 -8.44 4.29 22.90
C LYS A 610 -9.97 4.36 23.00
N LEU A 611 -10.61 5.25 22.25
CA LEU A 611 -12.08 5.33 22.23
C LEU A 611 -12.72 4.01 21.77
N ILE A 612 -12.17 3.41 20.71
CA ILE A 612 -12.73 2.16 20.22
C ILE A 612 -12.66 1.05 21.26
N THR A 613 -11.53 0.91 21.94
CA THR A 613 -11.40 -0.12 22.96
C THR A 613 -12.32 0.18 24.15
N ALA A 614 -12.47 1.47 24.47
CA ALA A 614 -13.33 1.91 25.58
C ALA A 614 -14.81 1.60 25.31
N ILE A 615 -15.24 1.77 24.07
CA ILE A 615 -16.59 1.40 23.65
C ILE A 615 -16.80 -0.11 23.77
N GLY A 616 -15.82 -0.88 23.30
CA GLY A 616 -15.79 -2.33 23.50
C GLY A 616 -15.94 -2.75 24.96
N ASP A 617 -15.18 -2.11 25.84
CA ASP A 617 -15.23 -2.41 27.27
C ASP A 617 -16.65 -2.29 27.86
N VAL A 618 -17.41 -1.32 27.38
CA VAL A 618 -18.79 -1.14 27.83
C VAL A 618 -19.75 -2.08 27.12
N VAL A 619 -19.68 -2.10 25.80
CA VAL A 619 -20.65 -2.84 24.99
C VAL A 619 -20.52 -4.35 25.16
N ASN A 620 -19.28 -4.84 25.22
CA ASN A 620 -19.04 -6.28 25.20
C ASN A 620 -19.38 -6.95 26.53
N HIS A 621 -19.58 -6.17 27.58
CA HIS A 621 -19.85 -6.72 28.91
C HIS A 621 -21.23 -6.35 29.45
N ASP A 622 -22.07 -5.75 28.62
CA ASP A 622 -23.42 -5.35 29.02
C ASP A 622 -24.35 -6.54 28.81
N PRO A 623 -24.88 -7.12 29.91
CA PRO A 623 -25.66 -8.35 29.78
C PRO A 623 -26.94 -8.18 28.95
N VAL A 624 -27.49 -6.97 28.90
CA VAL A 624 -28.70 -6.71 28.12
C VAL A 624 -28.44 -6.79 26.61
N VAL A 625 -27.21 -6.46 26.20
CA VAL A 625 -26.84 -6.54 24.78
C VAL A 625 -26.73 -8.00 24.33
N GLY A 626 -26.17 -8.84 25.20
CA GLY A 626 -26.00 -10.26 24.90
C GLY A 626 -24.97 -10.41 23.81
N ASP A 627 -25.25 -11.27 22.84
CA ASP A 627 -24.37 -11.44 21.68
C ASP A 627 -24.93 -10.71 20.45
N ARG A 628 -25.76 -9.69 20.68
CA ARG A 628 -26.35 -8.93 19.57
C ARG A 628 -25.39 -7.86 19.00
N LEU A 629 -24.43 -7.44 19.81
CA LEU A 629 -23.45 -6.43 19.38
C LEU A 629 -22.11 -6.67 20.09
N ARG A 630 -21.06 -6.77 19.29
CA ARG A 630 -19.69 -6.88 19.77
C ARG A 630 -18.82 -5.90 19.02
N VAL A 631 -17.89 -5.27 19.72
CA VAL A 631 -16.96 -4.32 19.12
C VAL A 631 -15.55 -4.76 19.46
N ILE A 632 -14.77 -5.11 18.43
CA ILE A 632 -13.44 -5.67 18.60
C ILE A 632 -12.42 -4.78 17.86
N PHE A 633 -11.34 -4.43 18.54
CA PHE A 633 -10.22 -3.76 17.89
C PHE A 633 -9.21 -4.80 17.45
N LEU A 634 -9.00 -4.90 16.14
CA LEU A 634 -8.09 -5.86 15.54
C LEU A 634 -6.64 -5.37 15.65
N GLU A 635 -5.88 -6.03 16.51
CA GLU A 635 -4.53 -5.64 16.86
C GLU A 635 -3.54 -5.95 15.73
N ASN A 636 -2.57 -5.07 15.50
CA ASN A 636 -1.47 -5.30 14.56
C ASN A 636 -1.88 -5.59 13.11
N TYR A 637 -2.83 -4.81 12.59
CA TYR A 637 -3.24 -4.92 11.20
C TYR A 637 -2.05 -4.76 10.26
N ARG A 638 -1.93 -5.73 9.35
CA ARG A 638 -0.82 -5.83 8.42
C ARG A 638 -1.28 -6.76 7.27
N VAL A 639 -0.42 -6.97 6.29
CA VAL A 639 -0.83 -7.76 5.09
C VAL A 639 -1.32 -9.16 5.46
N SER A 640 -0.59 -9.87 6.33
CA SER A 640 -0.98 -11.25 6.68
CA SER A 640 -0.98 -11.24 6.69
C SER A 640 -2.33 -11.30 7.40
N LEU A 641 -2.63 -10.28 8.21
CA LEU A 641 -3.94 -10.19 8.87
C LEU A 641 -5.07 -9.82 7.89
N ALA A 642 -4.78 -8.95 6.94
CA ALA A 642 -5.72 -8.61 5.87
C ALA A 642 -6.15 -9.86 5.09
N GLU A 643 -5.19 -10.75 4.82
CA GLU A 643 -5.48 -11.98 4.10
C GLU A 643 -6.46 -12.89 4.86
N LYS A 644 -6.55 -12.73 6.18
CA LYS A 644 -7.48 -13.51 6.99
C LYS A 644 -8.84 -12.83 7.17
N VAL A 645 -8.84 -11.55 7.49
CA VAL A 645 -10.10 -10.86 7.83
C VAL A 645 -10.94 -10.51 6.61
N ILE A 646 -10.29 -10.13 5.51
CA ILE A 646 -11.02 -9.69 4.32
C ILE A 646 -11.94 -10.81 3.77
N PRO A 647 -11.44 -12.05 3.61
CA PRO A 647 -12.35 -13.14 3.16
C PRO A 647 -13.53 -13.42 4.09
N ALA A 648 -13.43 -13.00 5.34
CA ALA A 648 -14.45 -13.23 6.33
C ALA A 648 -15.48 -12.10 6.46
N ALA A 649 -15.28 -11.00 5.77
CA ALA A 649 -16.11 -9.81 5.99
C ALA A 649 -17.44 -9.87 5.25
N ASP A 650 -18.49 -9.34 5.87
CA ASP A 650 -19.78 -9.15 5.19
C ASP A 650 -19.93 -7.73 4.64
N LEU A 651 -19.48 -6.75 5.43
CA LEU A 651 -19.67 -5.35 5.13
C LEU A 651 -18.33 -4.63 5.21
N SER A 652 -18.00 -3.90 4.14
CA SER A 652 -16.77 -3.15 4.00
C SER A 652 -17.04 -1.66 4.21
N GLU A 653 -16.36 -1.07 5.19
CA GLU A 653 -16.56 0.33 5.55
C GLU A 653 -15.55 1.21 4.82
N GLN A 654 -16.05 2.02 3.88
CA GLN A 654 -15.21 2.89 3.06
C GLN A 654 -15.81 4.31 3.10
N ILE A 655 -15.57 5.00 4.21
CA ILE A 655 -16.42 6.11 4.61
C ILE A 655 -15.66 7.42 4.80
N SER A 656 -14.60 7.60 4.03
CA SER A 656 -13.84 8.85 4.02
C SER A 656 -14.71 10.02 3.53
N THR A 657 -14.42 11.22 4.02
CA THR A 657 -15.08 12.41 3.52
C THR A 657 -14.83 12.55 2.02
N ALA A 658 -15.88 12.80 1.25
CA ALA A 658 -15.75 12.92 -0.19
C ALA A 658 -14.63 13.91 -0.55
N GLY A 659 -13.72 13.48 -1.43
CA GLY A 659 -12.59 14.29 -1.87
C GLY A 659 -11.26 14.04 -1.16
N THR A 660 -11.23 13.13 -0.19
CA THR A 660 -10.03 12.92 0.62
C THR A 660 -9.27 11.62 0.37
N GLU A 661 -9.97 10.52 0.05
CA GLU A 661 -9.29 9.24 -0.26
C GLU A 661 -9.00 9.22 -1.75
N ALA A 662 -7.73 9.36 -2.15
CA ALA A 662 -7.39 9.47 -3.58
C ALA A 662 -7.99 8.31 -4.37
N SER A 663 -7.79 7.08 -3.89
CA SER A 663 -8.38 5.91 -4.53
C SER A 663 -8.95 4.96 -3.50
N GLY A 664 -8.07 4.48 -2.63
CA GLY A 664 -8.38 3.33 -1.80
C GLY A 664 -8.04 2.09 -2.60
N THR A 665 -7.59 1.06 -1.90
CA THR A 665 -7.38 -0.27 -2.48
C THR A 665 -7.96 -1.38 -1.60
N GLY A 666 -8.03 -1.17 -0.29
CA GLY A 666 -8.76 -2.11 0.58
C GLY A 666 -10.18 -2.32 0.08
N ASN A 667 -10.83 -1.23 -0.34
CA ASN A 667 -12.16 -1.30 -0.96
C ASN A 667 -12.29 -2.40 -2.02
N MET A 668 -11.30 -2.49 -2.90
CA MET A 668 -11.30 -3.46 -4.00
C MET A 668 -11.11 -4.89 -3.51
N1 LLP A 669 -2.79 -1.68 4.82
C2 LLP A 669 -2.74 -2.99 4.46
C2' LLP A 669 -2.00 -4.01 5.28
C3 LLP A 669 -3.38 -3.44 3.21
O3 LLP A 669 -3.33 -4.75 2.81
C4 LLP A 669 -4.09 -2.44 2.40
C4' LLP A 669 -4.79 -2.76 1.10
C5 LLP A 669 -4.09 -1.05 2.89
C6 LLP A 669 -3.44 -0.75 4.08
C5' LLP A 669 -4.83 0.02 2.11
OP4 LLP A 669 -6.18 0.06 2.61
P LLP A 669 -7.07 1.38 2.35
OP1 LLP A 669 -8.36 1.03 3.03
OP2 LLP A 669 -6.29 2.45 3.04
OP3 LLP A 669 -7.11 1.54 0.85
N LLP A 669 -10.24 -5.06 -2.52
CA LLP A 669 -10.00 -6.36 -1.89
CB LLP A 669 -8.96 -6.28 -0.77
CG LLP A 669 -7.60 -5.70 -1.19
CD LLP A 669 -6.69 -5.46 0.02
CE LLP A 669 -5.50 -4.60 -0.40
NZ LLP A 669 -4.75 -4.15 0.75
C LLP A 669 -11.29 -6.92 -1.32
O LLP A 669 -11.59 -8.12 -1.48
N PHE A 670 -12.07 -6.08 -0.63
CA PHE A 670 -13.35 -6.53 -0.06
C PHE A 670 -14.38 -6.92 -1.14
N MET A 671 -14.43 -6.13 -2.21
CA MET A 671 -15.35 -6.39 -3.32
C MET A 671 -15.11 -7.77 -3.95
N LEU A 672 -13.83 -8.07 -4.16
CA LEU A 672 -13.41 -9.32 -4.80
C LEU A 672 -13.72 -10.55 -3.94
N ASN A 673 -13.83 -10.35 -2.62
CA ASN A 673 -13.97 -11.44 -1.67
C ASN A 673 -15.36 -11.60 -1.05
N GLY A 674 -16.36 -10.94 -1.62
CA GLY A 674 -17.77 -11.21 -1.29
C GLY A 674 -18.35 -10.45 -0.12
N ALA A 675 -17.82 -9.23 0.10
CA ALA A 675 -18.44 -8.31 1.02
C ALA A 675 -19.15 -7.23 0.21
N LEU A 676 -20.23 -6.71 0.78
CA LEU A 676 -20.88 -5.54 0.20
C LEU A 676 -20.23 -4.30 0.82
N THR A 677 -20.36 -3.17 0.13
CA THR A 677 -19.68 -1.95 0.54
C THR A 677 -20.66 -0.86 0.97
N ILE A 678 -20.41 -0.29 2.14
CA ILE A 678 -21.04 0.97 2.54
C ILE A 678 -20.00 2.08 2.44
N GLY A 679 -20.30 3.10 1.65
CA GLY A 679 -19.30 4.10 1.37
C GLY A 679 -19.78 5.40 0.76
N THR A 680 -18.92 6.39 0.86
CA THR A 680 -19.12 7.66 0.24
C THR A 680 -18.69 7.61 -1.21
N MET A 681 -19.12 8.59 -1.98
CA MET A 681 -18.69 8.72 -3.36
C MET A 681 -17.30 9.36 -3.36
N ASP A 682 -16.29 8.58 -2.97
CA ASP A 682 -14.93 9.06 -2.87
C ASP A 682 -13.96 8.06 -3.52
N GLY A 683 -12.87 8.58 -4.08
CA GLY A 683 -11.87 7.73 -4.70
C GLY A 683 -12.43 6.69 -5.67
N ALA A 684 -11.97 5.45 -5.56
CA ALA A 684 -12.40 4.40 -6.48
C ALA A 684 -13.78 3.84 -6.15
N ASN A 685 -14.35 4.18 -4.99
CA ASN A 685 -15.73 3.80 -4.67
C ASN A 685 -16.68 4.20 -5.82
N VAL A 686 -16.41 5.35 -6.43
CA VAL A 686 -17.23 5.87 -7.52
C VAL A 686 -17.25 4.91 -8.72
N GLU A 687 -16.07 4.42 -9.07
CA GLU A 687 -15.92 3.50 -10.19
C GLU A 687 -16.41 2.11 -9.81
N MET A 688 -16.26 1.71 -8.56
CA MET A 688 -16.80 0.43 -8.12
C MET A 688 -18.33 0.41 -8.24
N ALA A 689 -18.98 1.48 -7.76
CA ALA A 689 -20.45 1.60 -7.85
C ALA A 689 -20.91 1.64 -9.30
N GLU A 690 -20.14 2.33 -10.14
CA GLU A 690 -20.43 2.43 -11.55
C GLU A 690 -20.35 1.05 -12.22
N GLU A 691 -19.36 0.25 -11.87
CA GLU A 691 -19.23 -1.11 -12.42
C GLU A 691 -20.33 -2.05 -11.93
N ALA A 692 -20.60 -2.06 -10.64
CA ALA A 692 -21.59 -2.99 -10.07
C ALA A 692 -23.05 -2.54 -10.27
N GLY A 693 -23.25 -1.23 -10.40
CA GLY A 693 -24.58 -0.65 -10.35
C GLY A 693 -24.83 -0.07 -8.97
N GLU A 694 -25.26 1.19 -8.93
CA GLU A 694 -25.50 1.87 -7.65
C GLU A 694 -26.52 1.15 -6.79
N GLU A 695 -27.45 0.45 -7.42
CA GLU A 695 -28.44 -0.34 -6.68
C GLU A 695 -27.81 -1.51 -5.89
N ASN A 696 -26.58 -1.86 -6.23
CA ASN A 696 -25.87 -2.97 -5.58
C ASN A 696 -24.75 -2.51 -4.65
N PHE A 697 -24.80 -1.23 -4.32
CA PHE A 697 -23.84 -0.58 -3.46
C PHE A 697 -24.61 0.24 -2.41
N PHE A 698 -24.06 0.40 -1.22
CA PHE A 698 -24.72 1.20 -0.20
C PHE A 698 -24.02 2.55 -0.13
N ILE A 699 -24.44 3.45 -0.99
CA ILE A 699 -23.87 4.79 -1.10
C ILE A 699 -24.63 5.77 -0.20
N PHE A 700 -23.89 6.62 0.51
CA PHE A 700 -24.50 7.62 1.37
C PHE A 700 -23.63 8.87 1.39
N GLY A 701 -24.22 9.97 1.85
CA GLY A 701 -23.44 11.13 2.26
C GLY A 701 -23.18 12.19 1.21
N MET A 702 -22.50 13.23 1.64
CA MET A 702 -22.11 14.35 0.80
C MET A 702 -21.25 13.87 -0.37
N ARG A 703 -21.50 14.41 -1.56
CA ARG A 703 -20.58 14.32 -2.68
C ARG A 703 -19.58 15.46 -2.55
N VAL A 704 -18.53 15.42 -3.37
CA VAL A 704 -17.49 16.46 -3.35
C VAL A 704 -18.08 17.87 -3.47
N GLU A 705 -19.07 18.01 -4.36
CA GLU A 705 -19.77 19.28 -4.58
C GLU A 705 -20.48 19.78 -3.33
N ASP A 706 -21.05 18.86 -2.54
CA ASP A 706 -21.73 19.21 -1.29
C ASP A 706 -20.73 19.67 -0.22
N VAL A 707 -19.56 19.04 -0.18
CA VAL A 707 -18.53 19.44 0.75
C VAL A 707 -18.07 20.86 0.43
N ASP A 708 -17.86 21.16 -0.85
CA ASP A 708 -17.50 22.51 -1.28
C ASP A 708 -18.53 23.56 -0.88
N ARG A 709 -19.81 23.27 -1.12
CA ARG A 709 -20.90 24.17 -0.70
C ARG A 709 -20.85 24.44 0.81
N LEU A 710 -20.69 23.39 1.61
CA LEU A 710 -20.58 23.55 3.08
C LEU A 710 -19.40 24.44 3.49
N ASP A 711 -18.25 24.25 2.84
CA ASP A 711 -17.06 25.07 3.14
C ASP A 711 -17.29 26.55 2.80
N GLN A 712 -18.03 26.83 1.73
CA GLN A 712 -18.33 28.21 1.34
C GLN A 712 -19.16 28.91 2.40
N ARG A 713 -20.20 28.24 2.87
CA ARG A 713 -21.04 28.75 3.96
C ARG A 713 -20.36 28.79 5.31
N GLY A 714 -19.51 27.79 5.55
CA GLY A 714 -18.91 27.59 6.87
C GLY A 714 -19.54 26.41 7.59
N TYR A 715 -18.72 25.43 7.95
CA TYR A 715 -19.20 24.26 8.66
C TYR A 715 -19.39 24.60 10.14
N ASN A 716 -20.61 24.44 10.61
CA ASN A 716 -20.95 24.66 12.01
C ASN A 716 -21.52 23.36 12.60
N ALA A 717 -20.67 22.66 13.35
CA ALA A 717 -21.03 21.37 13.91
C ALA A 717 -22.16 21.47 14.94
N GLN A 718 -22.22 22.61 15.64
CA GLN A 718 -23.25 22.86 16.64
C GLN A 718 -24.68 22.70 16.07
N GLU A 719 -24.86 23.12 14.82
CA GLU A 719 -26.14 22.99 14.15
C GLU A 719 -26.66 21.55 14.18
N TYR A 720 -25.78 20.59 13.90
CA TYR A 720 -26.16 19.17 13.89
C TYR A 720 -26.43 18.64 15.29
N TYR A 721 -25.59 19.02 16.24
CA TYR A 721 -25.80 18.69 17.66
C TYR A 721 -27.17 19.19 18.16
N ASP A 722 -27.55 20.39 17.71
CA ASP A 722 -28.83 20.99 18.12
C ASP A 722 -30.06 20.29 17.51
N ARG A 723 -29.93 19.72 16.32
CA ARG A 723 -31.09 19.21 15.57
C ARG A 723 -31.28 17.69 15.63
N ILE A 724 -30.27 16.97 16.10
CA ILE A 724 -30.29 15.49 16.08
C ILE A 724 -30.12 15.00 17.51
N PRO A 725 -31.24 14.66 18.19
CA PRO A 725 -31.18 14.24 19.60
C PRO A 725 -30.29 13.01 19.88
N GLU A 726 -30.33 12.02 18.97
CA GLU A 726 -29.49 10.83 19.12
C GLU A 726 -28.00 11.18 19.11
N LEU A 727 -27.62 12.17 18.31
CA LEU A 727 -26.23 12.63 18.25
C LEU A 727 -25.83 13.37 19.54
N ARG A 728 -26.71 14.25 20.00
CA ARG A 728 -26.51 14.97 21.28
C ARG A 728 -26.29 14.01 22.45
N GLN A 729 -27.11 12.97 22.53
CA GLN A 729 -26.95 11.96 23.57
C GLN A 729 -25.53 11.39 23.57
N ILE A 730 -25.01 11.06 22.40
CA ILE A 730 -23.66 10.46 22.32
C ILE A 730 -22.58 11.44 22.80
N ILE A 731 -22.69 12.69 22.38
CA ILE A 731 -21.70 13.69 22.78
C ILE A 731 -21.75 13.91 24.28
N GLU A 732 -22.95 13.93 24.85
CA GLU A 732 -23.09 14.04 26.29
C GLU A 732 -22.50 12.83 27.02
N GLN A 733 -22.65 11.63 26.46
CA GLN A 733 -22.02 10.43 27.02
C GLN A 733 -20.50 10.50 27.00
N LEU A 734 -19.92 10.90 25.87
CA LEU A 734 -18.47 11.08 25.76
C LEU A 734 -17.95 12.10 26.78
N SER A 735 -18.58 13.27 26.81
CA SER A 735 -18.16 14.38 27.68
C SER A 735 -18.23 14.05 29.15
N SER A 736 -19.26 13.29 29.53
CA SER A 736 -19.59 13.10 30.95
C SER A 736 -18.84 11.92 31.57
N GLY A 737 -18.19 11.10 30.77
CA GLY A 737 -17.39 9.98 31.28
C GLY A 737 -18.07 8.63 31.28
N PHE A 738 -19.14 8.48 30.50
CA PHE A 738 -19.86 7.21 30.39
C PHE A 738 -18.95 6.08 29.90
N PHE A 739 -18.02 6.40 28.98
CA PHE A 739 -17.08 5.43 28.44
C PHE A 739 -15.71 5.45 29.10
N SER A 740 -15.53 6.28 30.13
CA SER A 740 -14.29 6.35 30.90
C SER A 740 -14.57 6.77 32.36
N PRO A 741 -15.19 5.87 33.15
CA PRO A 741 -15.70 6.26 34.46
C PRO A 741 -14.64 6.74 35.45
N LYS A 742 -13.45 6.14 35.41
CA LYS A 742 -12.38 6.52 36.33
C LYS A 742 -11.63 7.77 35.89
N GLN A 743 -11.75 8.10 34.61
CA GLN A 743 -11.16 9.32 34.06
C GLN A 743 -12.22 10.01 33.21
N PRO A 744 -13.15 10.74 33.86
CA PRO A 744 -14.31 11.27 33.14
C PRO A 744 -14.01 12.27 32.01
N ASP A 745 -12.87 12.97 32.06
CA ASP A 745 -12.52 13.94 31.02
C ASP A 745 -11.61 13.36 29.91
N LEU A 746 -11.47 12.04 29.85
CA LEU A 746 -10.49 11.39 28.96
C LEU A 746 -10.65 11.77 27.48
N PHE A 747 -11.89 11.87 27.02
CA PHE A 747 -12.16 12.07 25.60
C PHE A 747 -12.53 13.52 25.25
N LYS A 748 -12.18 14.46 26.12
CA LYS A 748 -12.51 15.87 25.89
C LYS A 748 -11.86 16.42 24.61
N ASP A 749 -10.64 15.99 24.29
CA ASP A 749 -9.99 16.43 23.05
C ASP A 749 -10.83 16.01 21.83
N ILE A 750 -11.33 14.78 21.86
CA ILE A 750 -12.18 14.27 20.77
C ILE A 750 -13.46 15.09 20.62
N VAL A 751 -14.13 15.36 21.74
CA VAL A 751 -15.37 16.13 21.73
C VAL A 751 -15.12 17.54 21.24
N ASN A 752 -14.00 18.12 21.69
CA ASN A 752 -13.64 19.47 21.24
C ASN A 752 -13.42 19.57 19.76
N MET A 753 -12.66 18.62 19.23
CA MET A 753 -12.39 18.58 17.82
C MET A 753 -13.69 18.44 17.02
N LEU A 754 -14.53 17.47 17.40
CA LEU A 754 -15.81 17.25 16.73
C LEU A 754 -16.72 18.50 16.71
N MET A 755 -16.77 19.22 17.83
CA MET A 755 -17.63 20.41 17.95
C MET A 755 -17.06 21.70 17.34
N HIS A 756 -15.74 21.86 17.34
CA HIS A 756 -15.14 23.15 16.95
C HIS A 756 -14.08 23.16 15.84
N HIS A 757 -13.42 22.02 15.57
CA HIS A 757 -12.29 22.02 14.63
C HIS A 757 -12.24 20.78 13.74
N ASP A 758 -13.39 20.34 13.24
CA ASP A 758 -13.45 19.10 12.47
C ASP A 758 -13.32 19.38 10.97
N ARG A 759 -12.12 19.17 10.42
CA ARG A 759 -11.87 19.38 9.01
C ARG A 759 -12.63 18.39 8.12
N PHE A 760 -13.12 17.28 8.69
CA PHE A 760 -13.69 16.20 7.88
C PHE A 760 -15.20 15.94 8.07
N LYS A 761 -15.86 16.85 8.79
CA LYS A 761 -17.32 16.96 8.77
C LYS A 761 -18.03 15.66 9.12
N VAL A 762 -17.61 15.08 10.24
CA VAL A 762 -18.17 13.82 10.74
C VAL A 762 -19.67 13.97 10.99
N PHE A 763 -20.09 15.04 11.67
CA PHE A 763 -21.51 15.23 11.95
C PHE A 763 -22.36 15.39 10.69
N ALA A 764 -21.82 16.02 9.64
CA ALA A 764 -22.60 16.30 8.44
C ALA A 764 -23.08 15.04 7.70
N ASP A 765 -22.39 13.91 7.86
CA ASP A 765 -22.80 12.67 7.21
C ASP A 765 -23.45 11.67 8.19
N TYR A 766 -23.61 12.06 9.45
CA TYR A 766 -24.08 11.13 10.48
C TYR A 766 -25.49 10.57 10.19
N GLU A 767 -26.43 11.46 9.92
CA GLU A 767 -27.81 11.04 9.71
C GLU A 767 -27.97 10.09 8.51
N GLU A 768 -27.39 10.48 7.37
CA GLU A 768 -27.42 9.65 6.17
C GLU A 768 -26.72 8.31 6.38
N TYR A 769 -25.64 8.30 7.15
CA TYR A 769 -24.88 7.09 7.44
C TYR A 769 -25.71 6.09 8.26
N VAL A 770 -26.34 6.58 9.31
CA VAL A 770 -27.17 5.72 10.16
C VAL A 770 -28.35 5.13 9.38
N LYS A 771 -29.00 5.95 8.55
CA LYS A 771 -30.10 5.48 7.70
C LYS A 771 -29.66 4.44 6.70
N CYS A 772 -28.49 4.65 6.10
CA CYS A 772 -27.93 3.68 5.16
C CYS A 772 -27.60 2.34 5.86
N GLN A 773 -27.05 2.42 7.07
CA GLN A 773 -26.76 1.23 7.87
C GLN A 773 -28.05 0.42 8.19
N GLU A 774 -29.18 1.11 8.34
CA GLU A 774 -30.47 0.43 8.52
C GLU A 774 -30.85 -0.38 7.29
N ARG A 775 -30.57 0.16 6.10
CA ARG A 775 -30.85 -0.57 4.86
C ARG A 775 -29.95 -1.82 4.70
N VAL A 776 -28.73 -1.72 5.18
CA VAL A 776 -27.81 -2.86 5.22
C VAL A 776 -28.39 -3.99 6.07
N SER A 777 -28.84 -3.65 7.27
CA SER A 777 -29.40 -4.62 8.21
C SER A 777 -30.66 -5.29 7.66
N ALA A 778 -31.50 -4.51 6.95
CA ALA A 778 -32.70 -5.03 6.30
C ALA A 778 -32.35 -6.10 5.28
N LEU A 779 -31.35 -5.82 4.45
CA LEU A 779 -30.94 -6.78 3.39
C LEU A 779 -30.35 -8.04 3.98
N TYR A 780 -29.59 -7.90 5.06
CA TYR A 780 -28.91 -9.05 5.67
C TYR A 780 -29.92 -10.07 6.26
N LYS A 781 -31.10 -9.60 6.67
CA LYS A 781 -32.21 -10.48 7.08
C LYS A 781 -32.74 -11.40 5.99
N ASN A 782 -32.47 -11.09 4.73
CA ASN A 782 -32.85 -11.92 3.60
C ASN A 782 -31.59 -12.51 2.91
N PRO A 783 -31.06 -13.62 3.48
CA PRO A 783 -29.78 -14.21 3.02
C PRO A 783 -29.69 -14.41 1.53
N ARG A 784 -30.77 -14.86 0.89
CA ARG A 784 -30.75 -15.13 -0.54
C ARG A 784 -30.50 -13.86 -1.36
N GLU A 785 -31.18 -12.77 -1.00
CA GLU A 785 -31.02 -11.53 -1.74
C GLU A 785 -29.69 -10.83 -1.41
N TRP A 786 -29.24 -10.93 -0.16
CA TRP A 786 -27.89 -10.47 0.19
C TRP A 786 -26.87 -11.13 -0.74
N THR A 787 -26.91 -12.46 -0.79
CA THR A 787 -25.96 -13.22 -1.59
C THR A 787 -26.07 -12.92 -3.08
N ARG A 788 -27.28 -12.69 -3.59
CA ARG A 788 -27.41 -12.31 -4.98
C ARG A 788 -26.70 -10.98 -5.25
N MET A 789 -26.84 -10.03 -4.35
CA MET A 789 -26.16 -8.74 -4.53
C MET A 789 -24.62 -8.92 -4.47
N VAL A 790 -24.17 -9.79 -3.58
CA VAL A 790 -22.75 -10.16 -3.52
C VAL A 790 -22.25 -10.67 -4.87
N ILE A 791 -22.99 -11.61 -5.47
CA ILE A 791 -22.58 -12.15 -6.76
C ILE A 791 -22.45 -11.05 -7.80
N ARG A 792 -23.33 -10.07 -7.74
CA ARG A 792 -23.25 -8.96 -8.69
C ARG A 792 -22.02 -8.08 -8.45
N ASN A 793 -21.57 -7.99 -7.20
CA ASN A 793 -20.30 -7.29 -6.89
C ASN A 793 -19.06 -8.08 -7.38
N ILE A 794 -18.98 -9.36 -7.01
CA ILE A 794 -17.84 -10.17 -7.40
C ILE A 794 -17.72 -10.17 -8.91
N ALA A 795 -18.86 -10.34 -9.58
CA ALA A 795 -18.91 -10.47 -11.03
C ALA A 795 -18.44 -9.24 -11.80
N THR A 796 -18.53 -8.07 -11.18
CA THR A 796 -18.14 -6.82 -11.83
C THR A 796 -16.84 -6.21 -11.23
N SER A 797 -16.08 -7.02 -10.51
CA SER A 797 -14.84 -6.52 -9.86
C SER A 797 -13.61 -6.55 -10.79
N GLY A 798 -13.79 -7.09 -12.00
CA GLY A 798 -12.69 -7.29 -12.94
C GLY A 798 -11.85 -6.07 -13.30
N LYS A 799 -12.49 -4.90 -13.41
CA LYS A 799 -11.78 -3.66 -13.72
C LYS A 799 -10.66 -3.36 -12.70
N PHE A 800 -10.80 -3.89 -11.49
CA PHE A 800 -9.92 -3.53 -10.38
C PHE A 800 -8.74 -4.48 -10.18
N SER A 801 -8.48 -5.30 -11.19
CA SER A 801 -7.23 -6.05 -11.26
C SER A 801 -6.09 -5.10 -11.58
N SER A 802 -4.98 -5.24 -10.88
CA SER A 802 -3.78 -4.46 -11.19
C SER A 802 -3.15 -4.88 -12.52
N ASP A 803 -3.58 -6.02 -13.09
CA ASP A 803 -3.18 -6.35 -14.47
C ASP A 803 -3.74 -5.32 -15.44
N ARG A 804 -4.98 -4.87 -15.22
CA ARG A 804 -5.58 -3.84 -16.07
C ARG A 804 -4.82 -2.52 -15.89
N THR A 805 -4.60 -2.14 -14.63
CA THR A 805 -3.85 -0.94 -14.34
C THR A 805 -2.47 -0.90 -15.04
N ILE A 806 -1.70 -1.97 -14.88
CA ILE A 806 -0.34 -2.00 -15.42
C ILE A 806 -0.36 -2.01 -16.94
N ALA A 807 -1.33 -2.70 -17.53
CA ALA A 807 -1.45 -2.67 -19.00
C ALA A 807 -1.65 -1.22 -19.48
N GLN A 808 -2.39 -0.43 -18.70
CA GLN A 808 -2.59 0.98 -19.06
C GLN A 808 -1.33 1.84 -18.87
N TYR A 809 -0.59 1.64 -17.77
CA TYR A 809 0.70 2.32 -17.63
C TYR A 809 1.62 1.96 -18.80
N ALA A 810 1.65 0.67 -19.15
CA ALA A 810 2.57 0.19 -20.18
C ALA A 810 2.28 0.85 -21.53
N ARG A 811 1.00 0.89 -21.93
CA ARG A 811 0.66 1.40 -23.26
C ARG A 811 0.62 2.91 -23.33
N GLU A 812 0.15 3.56 -22.27
CA GLU A 812 -0.11 5.01 -22.30
C GLU A 812 1.01 5.88 -21.69
N ILE A 813 1.88 5.29 -20.88
CA ILE A 813 3.00 6.03 -20.27
C ILE A 813 4.37 5.49 -20.70
N TRP A 814 4.58 4.18 -20.57
CA TRP A 814 5.92 3.61 -20.78
C TRP A 814 6.25 3.27 -22.23
N GLY A 815 5.23 3.08 -23.06
CA GLY A 815 5.41 2.76 -24.48
C GLY A 815 5.94 1.35 -24.70
N VAL A 816 5.37 0.39 -23.98
CA VAL A 816 5.72 -1.02 -24.13
C VAL A 816 4.45 -1.85 -24.15
N GLU A 817 4.51 -2.97 -24.85
CA GLU A 817 3.36 -3.86 -25.00
C GLU A 817 3.48 -5.01 -24.00
N PRO A 818 2.43 -5.24 -23.20
CA PRO A 818 2.38 -6.41 -22.34
C PRO A 818 2.31 -7.73 -23.13
N SER A 819 2.70 -8.82 -22.49
CA SER A 819 2.65 -10.15 -23.10
C SER A 819 2.17 -11.17 -22.07
N ARG A 820 1.32 -12.10 -22.50
CA ARG A 820 0.88 -13.19 -21.64
C ARG A 820 1.61 -14.51 -21.96
N GLN A 821 2.54 -14.46 -22.91
CA GLN A 821 3.27 -15.66 -23.35
C GLN A 821 4.29 -16.19 -22.34
N ARG A 822 4.27 -17.50 -22.13
CA ARG A 822 5.26 -18.24 -21.33
C ARG A 822 6.68 -18.06 -21.85
N LEU A 823 7.63 -17.97 -20.91
CA LEU A 823 9.02 -18.31 -21.18
C LEU A 823 9.13 -19.82 -20.99
N PRO A 824 10.12 -20.47 -21.65
CA PRO A 824 10.22 -21.93 -21.52
C PRO A 824 10.83 -22.38 -20.19
N ALA A 825 10.37 -23.53 -19.70
CA ALA A 825 10.91 -24.15 -18.49
C ALA A 825 11.87 -25.27 -18.88
C12 26V B . 3.71 9.19 3.14
C11 26V B . 4.80 9.40 4.02
C16 26V B . 5.47 8.28 4.50
C15 26V B . 6.36 8.57 5.74
C14 26V B . 7.16 9.85 5.56
C13 26V B . 6.27 11.04 5.23
C10 26V B . 5.20 10.71 4.36
C9 26V B . 4.50 11.78 3.84
C8 26V B . 3.43 11.57 2.97
C7 26V B . 3.02 10.29 2.58
C6 26V B . 1.88 10.22 1.76
C5 26V B . 1.74 9.06 0.80
C4 26V B . 0.27 9.13 0.29
C2 26V B . -0.54 7.82 0.28
O3 26V B . -0.27 6.84 0.98
N1 26V B . -1.60 7.84 -0.53
C1' 26V B . -2.48 6.68 -0.70
O5' 26V B . -2.09 5.98 -1.92
C5' 26V B . -2.92 4.84 -2.18
C6' 26V B . -2.39 4.11 -3.41
O6' 26V B . -2.55 4.98 -4.54
C4' 26V B . -4.39 5.30 -2.36
O4' 26V B . -5.24 4.17 -2.61
C3' 26V B . -4.88 6.05 -1.13
O3' 26V B . -6.18 6.57 -1.38
C2' 26V B . -3.91 7.21 -0.78
O2' 26V B . -4.26 7.81 0.50
#